data_5IQC
#
_entry.id   5IQC
#
_cell.length_a   89.780
_cell.length_b   98.890
_cell.length_c   93.860
_cell.angle_alpha   90.00
_cell.angle_beta   105.51
_cell.angle_gamma   90.00
#
_symmetry.space_group_name_H-M   'P 1 21 1'
#
loop_
_entity.id
_entity.type
_entity.pdbx_description
1 polymer 'Bifunctional AAC/APH'
2 non-polymer 'PHOSPHOAMINOPHOSPHONIC ACID-GUANYLATE ESTER'
3 non-polymer 'gentamicin C1'
4 non-polymer 'MAGNESIUM ION'
5 non-polymer 'CHLORIDE ION'
6 non-polymer GLYCEROL
7 water water
#
_entity_poly.entity_id   1
_entity_poly.type   'polypeptide(L)'
_entity_poly.pdbx_seq_one_letter_code
;MEYRYDDNATNVKAMKYLIEHYFDNFKVDSIEIIGSGYDSVAYLVNNEYIFKTKFSTNKKKGYAKEKAIYNFLNTNLETN
VKIPNIEYSYISDELSILGYKEIKGTFLTPEIYSTMSEEEQNLLKRDIASFLRQMHGLDYTDISECTIDNKQNVLEEYIL
LRETIYNDLTDIEKDYIESFMERLNATTVFEGKKCLCHNDFSCNHLLLDGNNRLTGIIDFGDSGIIDEYCDFIYLLEDSE
EEIGTNFGEDILRMYGNIDIEKAKEYQDIVEEYYPIETIVYGIKNIKQEFIENGRKEIYKRTYKD
;
_entity_poly.pdbx_strand_id   A,B,C,D
#
# COMPACT_ATOMS: atom_id res chain seq x y z
N TYR A 5 14.83 3.87 -25.88
CA TYR A 5 14.72 5.29 -25.37
C TYR A 5 13.63 6.07 -26.10
N ASP A 6 13.04 7.02 -25.38
CA ASP A 6 11.98 7.91 -25.92
C ASP A 6 12.43 9.38 -26.10
N ASP A 7 11.76 10.10 -27.02
CA ASP A 7 12.03 11.53 -27.30
C ASP A 7 11.83 12.46 -26.06
N ASN A 8 10.73 12.22 -25.37
CA ASN A 8 10.46 12.76 -24.03
C ASN A 8 11.12 11.99 -22.86
N ALA A 9 11.76 10.82 -23.10
CA ALA A 9 12.32 9.92 -22.05
C ALA A 9 11.22 9.75 -21.05
N THR A 10 10.04 9.50 -21.60
CA THR A 10 8.82 9.72 -20.84
C THR A 10 8.73 8.72 -19.71
N ASN A 11 9.10 7.48 -20.02
CA ASN A 11 9.03 6.37 -19.08
C ASN A 11 9.87 6.60 -17.87
N VAL A 12 11.12 6.99 -18.12
CA VAL A 12 12.04 7.30 -17.02
C VAL A 12 11.51 8.47 -16.21
N LYS A 13 10.93 9.48 -16.86
CA LYS A 13 10.40 10.65 -16.12
C LYS A 13 9.23 10.28 -15.22
N ALA A 14 8.30 9.50 -15.74
CA ALA A 14 7.14 9.10 -14.91
C ALA A 14 7.66 8.29 -13.71
N MET A 15 8.60 7.40 -13.93
CA MET A 15 9.03 6.54 -12.89
C MET A 15 9.84 7.31 -11.90
N LYS A 16 10.60 8.29 -12.38
CA LYS A 16 11.33 9.18 -11.47
C LYS A 16 10.32 9.85 -10.59
N TYR A 17 9.26 10.38 -11.20
CA TYR A 17 8.25 11.08 -10.44
C TYR A 17 7.66 10.13 -9.38
N LEU A 18 7.36 8.90 -9.77
CA LEU A 18 6.71 7.99 -8.83
C LEU A 18 7.61 7.60 -7.66
N ILE A 19 8.86 7.31 -7.97
CA ILE A 19 9.84 6.97 -6.95
C ILE A 19 9.95 8.10 -5.90
N GLU A 20 10.13 9.33 -6.38
CA GLU A 20 10.30 10.47 -5.49
C GLU A 20 9.00 10.80 -4.75
N HIS A 21 7.87 10.44 -5.33
CA HIS A 21 6.59 10.71 -4.71
C HIS A 21 6.35 9.75 -3.58
N TYR A 22 6.60 8.48 -3.84
CA TYR A 22 6.30 7.44 -2.86
C TYR A 22 7.41 7.21 -1.83
N PHE A 23 8.64 7.56 -2.15
CA PHE A 23 9.73 7.42 -1.21
C PHE A 23 10.22 8.81 -0.85
N ASP A 24 9.60 9.33 0.22
CA ASP A 24 9.64 10.74 0.59
C ASP A 24 10.97 11.42 0.44
N ASN A 25 12.02 10.82 0.97
CA ASN A 25 13.29 11.51 0.98
C ASN A 25 14.25 11.00 -0.07
N PHE A 26 13.73 10.32 -1.09
CA PHE A 26 14.60 9.74 -2.09
C PHE A 26 14.76 10.68 -3.27
N LYS A 27 16.01 10.92 -3.64
CA LYS A 27 16.30 11.84 -4.73
C LYS A 27 16.96 11.15 -5.91
N VAL A 28 16.31 11.21 -7.06
CA VAL A 28 16.81 10.58 -8.26
C VAL A 28 17.75 11.51 -8.99
N ASP A 29 19.03 11.20 -9.01
CA ASP A 29 19.99 11.94 -9.82
C ASP A 29 20.14 11.34 -11.21
N SER A 30 20.14 10.02 -11.32
CA SER A 30 20.14 9.38 -12.63
C SER A 30 19.18 8.24 -12.63
N ILE A 31 18.74 7.84 -13.81
CA ILE A 31 17.76 6.77 -13.94
C ILE A 31 17.73 6.26 -15.37
N GLU A 32 17.94 4.96 -15.54
CA GLU A 32 17.82 4.36 -16.86
C GLU A 32 17.13 3.00 -16.77
N ILE A 33 16.51 2.61 -17.87
CA ILE A 33 15.90 1.30 -17.99
C ILE A 33 16.99 0.25 -18.14
N ILE A 34 16.99 -0.74 -17.27
CA ILE A 34 18.00 -1.81 -17.29
C ILE A 34 17.42 -3.19 -17.65
N GLY A 35 16.11 -3.29 -17.68
CA GLY A 35 15.46 -4.51 -18.09
C GLY A 35 13.97 -4.34 -18.16
N SER A 36 13.32 -5.29 -18.81
CA SER A 36 11.88 -5.32 -18.81
C SER A 36 11.40 -6.73 -19.00
N GLY A 37 10.19 -6.99 -18.49
CA GLY A 37 9.49 -8.25 -18.63
C GLY A 37 8.15 -8.08 -19.32
N TYR A 38 7.28 -9.06 -19.10
CA TYR A 38 6.02 -9.17 -19.82
C TYR A 38 5.12 -7.99 -19.40
N ASP A 39 5.14 -7.74 -18.11
CA ASP A 39 4.47 -6.57 -17.62
C ASP A 39 5.26 -5.90 -16.54
N SER A 40 6.56 -5.74 -16.71
CA SER A 40 7.35 -5.09 -15.69
C SER A 40 8.49 -4.34 -16.33
N VAL A 41 8.97 -3.34 -15.63
CA VAL A 41 10.13 -2.62 -16.06
C VAL A 41 11.05 -2.41 -14.89
N ALA A 42 12.34 -2.65 -15.13
CA ALA A 42 13.34 -2.49 -14.11
C ALA A 42 14.24 -1.32 -14.44
N TYR A 43 14.56 -0.52 -13.42
CA TYR A 43 15.37 0.68 -13.58
C TYR A 43 16.62 0.68 -12.70
N LEU A 44 17.71 1.20 -13.26
CA LEU A 44 18.89 1.47 -12.46
C LEU A 44 18.91 2.96 -12.11
N VAL A 45 18.94 3.23 -10.80
CA VAL A 45 18.81 4.57 -10.30
C VAL A 45 20.06 4.97 -9.54
N ASN A 46 20.54 6.18 -9.82
CA ASN A 46 21.74 6.74 -9.18
C ASN A 46 22.92 5.80 -9.31
N ASN A 47 22.91 5.01 -10.37
CA ASN A 47 23.94 4.03 -10.61
C ASN A 47 24.17 3.05 -9.44
N GLU A 48 23.16 2.84 -8.63
CA GLU A 48 23.32 2.24 -7.30
C GLU A 48 22.14 1.34 -6.91
N TYR A 49 20.92 1.76 -7.29
CA TYR A 49 19.71 1.07 -6.89
C TYR A 49 19.00 0.43 -8.07
N ILE A 50 18.45 -0.74 -7.82
CA ILE A 50 17.53 -1.37 -8.77
C ILE A 50 16.16 -1.11 -8.28
N PHE A 51 15.32 -0.60 -9.17
CA PHE A 51 13.88 -0.48 -8.89
C PHE A 51 13.11 -1.33 -9.89
N LYS A 52 12.46 -2.39 -9.40
CA LYS A 52 11.56 -3.24 -10.20
C LYS A 52 10.20 -2.64 -10.10
N THR A 53 9.49 -2.50 -11.22
CA THR A 53 8.18 -1.85 -11.20
C THR A 53 7.18 -2.51 -12.09
N LYS A 54 5.93 -2.40 -11.71
CA LYS A 54 4.86 -2.98 -12.48
C LYS A 54 3.60 -2.18 -12.19
N PHE A 55 2.76 -2.05 -13.20
CA PHE A 55 1.39 -1.53 -13.05
C PHE A 55 0.39 -2.64 -12.88
N SER A 56 -0.90 -2.38 -13.11
CA SER A 56 -1.89 -3.44 -12.86
C SER A 56 -1.57 -4.69 -13.65
N THR A 57 -1.64 -5.82 -12.94
CA THR A 57 -1.15 -7.10 -13.43
C THR A 57 -2.11 -8.24 -13.03
N ASN A 58 -2.14 -9.30 -13.82
CA ASN A 58 -3.01 -10.44 -13.58
C ASN A 58 -2.66 -11.15 -12.25
N LYS A 59 -1.37 -11.41 -12.03
CA LYS A 59 -0.84 -11.90 -10.73
C LYS A 59 -0.69 -10.76 -9.69
N LYS A 60 -1.82 -10.39 -9.11
CA LYS A 60 -1.81 -9.45 -7.97
C LYS A 60 -1.27 -10.24 -6.76
N LYS A 61 -0.84 -9.50 -5.74
CA LYS A 61 -0.09 -10.07 -4.61
C LYS A 61 1.33 -10.54 -5.02
N GLY A 62 1.76 -10.21 -6.24
CA GLY A 62 3.05 -10.64 -6.75
C GLY A 62 4.26 -10.02 -6.07
N TYR A 63 4.35 -8.68 -6.04
CA TYR A 63 5.53 -8.10 -5.43
C TYR A 63 5.48 -8.24 -3.90
N ALA A 64 4.30 -8.46 -3.32
CA ALA A 64 4.24 -8.69 -1.90
C ALA A 64 4.93 -10.02 -1.51
N LYS A 65 4.67 -11.08 -2.26
CA LYS A 65 5.29 -12.39 -1.95
C LYS A 65 6.78 -12.27 -2.13
N GLU A 66 7.18 -11.64 -3.23
CA GLU A 66 8.58 -11.56 -3.58
C GLU A 66 9.31 -10.82 -2.47
N LYS A 67 8.75 -9.69 -2.02
CA LYS A 67 9.26 -9.02 -0.86
C LYS A 67 9.36 -9.92 0.38
N ALA A 68 8.29 -10.62 0.71
CA ALA A 68 8.30 -11.52 1.86
C ALA A 68 9.40 -12.60 1.72
N ILE A 69 9.62 -13.08 0.50
CA ILE A 69 10.68 -14.05 0.30
C ILE A 69 12.04 -13.42 0.51
N TYR A 70 12.29 -12.21 0.01
CA TYR A 70 13.59 -11.58 0.24
C TYR A 70 13.84 -11.40 1.75
N ASN A 71 12.80 -11.00 2.47
CA ASN A 71 12.93 -10.76 3.87
C ASN A 71 13.21 -12.07 4.63
N PHE A 72 12.48 -13.13 4.27
CA PHE A 72 12.70 -14.44 4.86
C PHE A 72 14.12 -14.93 4.62
N LEU A 73 14.59 -14.80 3.39
CA LEU A 73 15.94 -15.24 3.07
C LEU A 73 17.06 -14.40 3.67
N ASN A 74 16.88 -13.09 3.71
CA ASN A 74 17.94 -12.25 4.29
C ASN A 74 18.07 -12.50 5.81
N THR A 75 16.94 -12.81 6.45
CA THR A 75 16.95 -13.22 7.83
C THR A 75 17.64 -14.59 8.03
N ASN A 76 17.27 -15.56 7.22
CA ASN A 76 17.58 -16.96 7.52
C ASN A 76 18.74 -17.61 6.76
N LEU A 77 19.13 -17.07 5.61
CA LEU A 77 20.24 -17.65 4.86
C LEU A 77 21.58 -17.25 5.45
N GLU A 78 22.47 -18.21 5.50
CA GLU A 78 23.87 -17.95 5.86
C GLU A 78 24.76 -18.30 4.68
N THR A 79 25.19 -17.29 3.93
CA THR A 79 25.87 -17.50 2.68
C THR A 79 26.62 -16.24 2.38
N ASN A 80 27.65 -16.34 1.55
CA ASN A 80 28.30 -15.15 1.04
C ASN A 80 27.68 -14.67 -0.27
N VAL A 81 26.76 -15.46 -0.82
CA VAL A 81 26.10 -15.10 -2.07
C VAL A 81 25.07 -14.01 -1.81
N LYS A 82 25.14 -12.92 -2.56
CA LYS A 82 24.23 -11.80 -2.34
C LYS A 82 22.88 -12.04 -3.04
N ILE A 83 21.83 -11.53 -2.42
CA ILE A 83 20.52 -11.48 -2.99
C ILE A 83 19.89 -10.10 -2.72
N PRO A 84 18.84 -9.75 -3.44
CA PRO A 84 18.28 -8.45 -3.21
C PRO A 84 17.90 -8.28 -1.76
N ASN A 85 18.12 -7.09 -1.25
CA ASN A 85 17.69 -6.73 0.06
C ASN A 85 16.84 -5.46 -0.03
N ILE A 86 15.55 -5.60 0.21
CA ILE A 86 14.58 -4.57 -0.12
C ILE A 86 14.64 -3.44 0.89
N GLU A 87 14.95 -2.24 0.40
CA GLU A 87 14.96 -1.04 1.23
C GLU A 87 13.73 -0.19 0.97
N TYR A 88 13.24 -0.21 -0.26
CA TYR A 88 12.06 0.57 -0.60
C TYR A 88 11.00 -0.33 -1.20
N SER A 89 9.78 -0.18 -0.74
CA SER A 89 8.69 -0.92 -1.32
C SER A 89 7.42 -0.13 -1.26
N TYR A 90 6.69 -0.19 -2.37
CA TYR A 90 5.34 0.34 -2.45
C TYR A 90 4.48 -0.68 -3.18
N ILE A 91 3.42 -1.12 -2.53
CA ILE A 91 2.62 -2.19 -3.07
C ILE A 91 1.14 -1.88 -3.04
N SER A 92 0.53 -1.91 -4.22
CA SER A 92 -0.90 -1.66 -4.41
C SER A 92 -1.32 -2.43 -5.64
N ASP A 93 -2.62 -2.56 -5.86
CA ASP A 93 -3.17 -3.23 -7.06
C ASP A 93 -2.65 -2.63 -8.36
N GLU A 94 -2.62 -1.29 -8.41
CA GLU A 94 -2.38 -0.55 -9.65
C GLU A 94 -0.91 -0.28 -9.86
N LEU A 95 -0.11 -0.39 -8.80
CA LEU A 95 1.33 -0.11 -8.92
C LEU A 95 2.14 -0.76 -7.80
N SER A 96 3.22 -1.44 -8.19
CA SER A 96 4.14 -2.00 -7.20
C SER A 96 5.54 -1.67 -7.62
N ILE A 97 6.34 -1.31 -6.62
CA ILE A 97 7.72 -0.96 -6.79
C ILE A 97 8.53 -1.62 -5.68
N LEU A 98 9.64 -2.23 -6.06
CA LEU A 98 10.64 -2.74 -5.10
C LEU A 98 11.99 -2.18 -5.43
N GLY A 99 12.63 -1.58 -4.43
CA GLY A 99 13.93 -1.02 -4.62
C GLY A 99 14.94 -1.64 -3.71
N TYR A 100 16.11 -1.91 -4.26
CA TYR A 100 17.19 -2.51 -3.48
C TYR A 100 18.54 -2.12 -4.09
N LYS A 101 19.61 -2.19 -3.31
CA LYS A 101 20.92 -1.90 -3.84
C LYS A 101 21.30 -2.92 -4.90
N GLU A 102 21.73 -2.42 -6.05
CA GLU A 102 22.14 -3.24 -7.15
C GLU A 102 23.25 -4.17 -6.71
N ILE A 103 23.10 -5.46 -6.99
CA ILE A 103 24.22 -6.39 -6.81
C ILE A 103 25.16 -6.29 -8.00
N LYS A 104 26.42 -6.03 -7.69
CA LYS A 104 27.43 -5.79 -8.72
C LYS A 104 28.03 -7.06 -9.24
N GLY A 105 28.20 -7.15 -10.54
CA GLY A 105 28.82 -8.33 -11.12
C GLY A 105 28.43 -8.50 -12.57
N THR A 106 28.75 -9.66 -13.13
CA THR A 106 28.46 -10.00 -14.52
C THR A 106 27.58 -11.24 -14.57
N PHE A 107 26.54 -11.19 -15.39
CA PHE A 107 25.61 -12.33 -15.55
C PHE A 107 26.24 -13.44 -16.33
N LEU A 108 26.07 -14.64 -15.81
CA LEU A 108 26.55 -15.84 -16.45
C LEU A 108 25.89 -16.05 -17.79
N THR A 109 26.69 -16.43 -18.79
CA THR A 109 26.19 -16.82 -20.12
C THR A 109 26.92 -18.06 -20.61
N PRO A 110 26.35 -18.77 -21.60
CA PRO A 110 27.11 -19.83 -22.25
C PRO A 110 28.52 -19.40 -22.73
N GLU A 111 28.64 -18.23 -23.34
CA GLU A 111 29.91 -17.74 -23.83
C GLU A 111 30.94 -17.62 -22.72
N ILE A 112 30.54 -16.98 -21.62
CA ILE A 112 31.46 -16.77 -20.52
C ILE A 112 31.88 -18.10 -19.92
N TYR A 113 30.93 -19.02 -19.79
CA TYR A 113 31.24 -20.33 -19.24
C TYR A 113 32.28 -21.04 -20.07
N SER A 114 32.14 -20.92 -21.38
CA SER A 114 33.05 -21.59 -22.30
C SER A 114 34.52 -21.12 -22.14
N THR A 115 34.73 -19.88 -21.70
CA THR A 115 36.08 -19.36 -21.49
C THR A 115 36.68 -19.73 -20.14
N MET A 116 35.86 -20.26 -19.24
CA MET A 116 36.35 -20.55 -17.89
C MET A 116 37.21 -21.82 -17.90
N SER A 117 38.24 -21.86 -17.06
CA SER A 117 39.00 -23.09 -16.89
C SER A 117 38.08 -24.17 -16.31
N GLU A 118 38.48 -25.43 -16.49
CA GLU A 118 37.74 -26.54 -15.92
C GLU A 118 37.53 -26.37 -14.41
N GLU A 119 38.59 -25.97 -13.71
CA GLU A 119 38.48 -25.73 -12.29
C GLU A 119 37.51 -24.56 -11.99
N GLU A 120 37.56 -23.48 -12.74
CA GLU A 120 36.64 -22.39 -12.51
C GLU A 120 35.21 -22.87 -12.66
N GLN A 121 35.00 -23.74 -13.63
CA GLN A 121 33.65 -24.21 -13.90
C GLN A 121 33.20 -25.07 -12.75
N ASN A 122 34.07 -25.97 -12.30
CA ASN A 122 33.79 -26.79 -11.13
C ASN A 122 33.36 -25.95 -9.91
N LEU A 123 34.12 -24.90 -9.61
CA LEU A 123 33.86 -24.09 -8.43
C LEU A 123 32.48 -23.38 -8.54
N LEU A 124 32.20 -22.88 -9.74
CA LEU A 124 30.91 -22.30 -9.99
C LEU A 124 29.79 -23.30 -9.72
N LYS A 125 29.99 -24.52 -10.21
CA LYS A 125 29.03 -25.54 -10.01
C LYS A 125 28.87 -25.82 -8.51
N ARG A 126 29.99 -25.92 -7.79
CA ARG A 126 29.96 -26.19 -6.36
C ARG A 126 29.19 -25.09 -5.64
N ASP A 127 29.46 -23.85 -6.03
CA ASP A 127 28.81 -22.68 -5.41
C ASP A 127 27.31 -22.74 -5.63
N ILE A 128 26.91 -23.11 -6.85
CA ILE A 128 25.49 -23.22 -7.15
C ILE A 128 24.84 -24.32 -6.28
N ALA A 129 25.44 -25.51 -6.27
CA ALA A 129 24.90 -26.62 -5.49
C ALA A 129 24.80 -26.28 -4.02
N SER A 130 25.83 -25.64 -3.54
CA SER A 130 25.90 -25.29 -2.12
C SER A 130 24.80 -24.24 -1.76
N PHE A 131 24.62 -23.25 -2.59
CA PHE A 131 23.51 -22.33 -2.37
C PHE A 131 22.13 -23.02 -2.37
N LEU A 132 21.87 -23.77 -3.43
CA LEU A 132 20.60 -24.52 -3.53
C LEU A 132 20.40 -25.48 -2.34
N ARG A 133 21.47 -26.14 -1.92
CA ARG A 133 21.40 -27.03 -0.76
C ARG A 133 20.97 -26.22 0.47
N GLN A 134 21.60 -25.06 0.67
CA GLN A 134 21.25 -24.29 1.84
C GLN A 134 19.81 -23.80 1.77
N MET A 135 19.38 -23.31 0.60
CA MET A 135 18.05 -22.75 0.49
C MET A 135 17.00 -23.84 0.63
N HIS A 136 17.19 -24.93 -0.08
CA HIS A 136 16.24 -26.05 -0.01
C HIS A 136 16.18 -26.67 1.42
N GLY A 137 17.26 -26.53 2.18
CA GLY A 137 17.29 -27.03 3.55
C GLY A 137 16.61 -26.15 4.60
N LEU A 138 16.25 -24.91 4.27
CA LEU A 138 15.62 -24.06 5.26
C LEU A 138 14.26 -24.58 5.69
N ASP A 139 14.03 -24.46 6.99
CA ASP A 139 12.74 -24.64 7.57
C ASP A 139 11.93 -23.46 7.06
N TYR A 140 10.89 -23.74 6.27
CA TYR A 140 10.11 -22.71 5.59
C TYR A 140 8.79 -22.37 6.27
N THR A 141 8.67 -22.77 7.53
CA THR A 141 7.46 -22.53 8.32
C THR A 141 7.01 -21.07 8.24
N ASP A 142 7.94 -20.14 8.39
CA ASP A 142 7.60 -18.71 8.47
C ASP A 142 7.15 -18.12 7.13
N ILE A 143 7.30 -18.88 6.03
CA ILE A 143 6.68 -18.51 4.75
C ILE A 143 5.79 -19.62 4.20
N SER A 144 5.15 -20.37 5.09
CA SER A 144 4.40 -21.54 4.68
C SER A 144 3.23 -21.23 3.70
N GLU A 145 2.88 -19.96 3.56
CA GLU A 145 1.83 -19.48 2.68
C GLU A 145 2.28 -19.37 1.23
N CYS A 146 3.59 -19.26 1.02
CA CYS A 146 4.12 -19.09 -0.32
C CYS A 146 4.27 -20.47 -1.04
N THR A 147 3.22 -21.26 -1.05
CA THR A 147 3.20 -22.62 -1.58
C THR A 147 2.75 -22.61 -3.02
N ILE A 148 3.34 -23.48 -3.84
CA ILE A 148 3.00 -23.57 -5.25
C ILE A 148 2.85 -25.06 -5.57
N ASP A 149 1.67 -25.47 -6.02
CA ASP A 149 1.47 -26.83 -6.49
C ASP A 149 1.44 -26.78 -8.02
N ASN A 150 2.53 -27.19 -8.69
CA ASN A 150 2.58 -27.13 -10.14
C ASN A 150 1.59 -28.05 -10.84
N LYS A 151 1.43 -29.26 -10.33
CA LYS A 151 0.51 -30.22 -11.00
C LYS A 151 -0.89 -29.66 -10.99
N GLN A 152 -1.33 -29.25 -9.81
CA GLN A 152 -2.65 -28.67 -9.63
C GLN A 152 -2.84 -27.42 -10.51
N ASN A 153 -1.82 -26.56 -10.52
CA ASN A 153 -1.86 -25.38 -11.35
C ASN A 153 -2.08 -25.76 -12.80
N VAL A 154 -1.35 -26.74 -13.29
CA VAL A 154 -1.53 -27.21 -14.66
C VAL A 154 -2.93 -27.76 -14.90
N LEU A 155 -3.44 -28.56 -13.96
CA LEU A 155 -4.80 -29.07 -14.06
C LEU A 155 -5.81 -27.94 -14.14
N GLU A 156 -5.65 -26.91 -13.32
CA GLU A 156 -6.54 -25.72 -13.40
C GLU A 156 -6.39 -24.91 -14.70
N GLU A 157 -5.16 -24.84 -15.19
CA GLU A 157 -4.90 -24.22 -16.49
C GLU A 157 -5.52 -24.98 -17.61
N TYR A 158 -5.55 -26.30 -17.51
CA TYR A 158 -6.14 -27.10 -18.55
C TYR A 158 -7.65 -26.85 -18.58
N ILE A 159 -8.24 -26.74 -17.41
CA ILE A 159 -9.66 -26.45 -17.34
C ILE A 159 -9.96 -25.09 -17.98
N LEU A 160 -9.11 -24.10 -17.74
CA LEU A 160 -9.31 -22.78 -18.31
C LEU A 160 -9.26 -22.86 -19.82
N LEU A 161 -8.29 -23.61 -20.34
CA LEU A 161 -8.25 -23.86 -21.78
C LEU A 161 -9.54 -24.45 -22.26
N ARG A 162 -10.04 -25.45 -21.55
CA ARG A 162 -11.25 -26.15 -21.99
C ARG A 162 -12.46 -25.24 -21.96
N GLU A 163 -12.47 -24.33 -21.00
CA GLU A 163 -13.54 -23.32 -20.89
C GLU A 163 -13.41 -22.13 -21.87
N THR A 164 -12.28 -22.01 -22.58
CA THR A 164 -12.03 -20.85 -23.43
C THR A 164 -11.77 -21.28 -24.86
N ILE A 165 -10.52 -21.47 -25.26
CA ILE A 165 -10.24 -21.67 -26.67
C ILE A 165 -10.03 -23.10 -27.16
N TYR A 166 -10.05 -24.08 -26.25
CA TYR A 166 -9.73 -25.44 -26.65
C TYR A 166 -10.50 -25.91 -27.88
N ASN A 167 -11.80 -25.61 -27.94
CA ASN A 167 -12.62 -26.13 -29.05
C ASN A 167 -12.27 -25.52 -30.39
N ASP A 168 -11.60 -24.39 -30.37
CA ASP A 168 -11.15 -23.76 -31.61
C ASP A 168 -9.77 -24.25 -32.08
N LEU A 169 -9.09 -25.07 -31.30
CA LEU A 169 -7.76 -25.51 -31.66
C LEU A 169 -7.82 -26.56 -32.74
N THR A 170 -6.70 -26.75 -33.43
CA THR A 170 -6.62 -27.81 -34.42
C THR A 170 -6.46 -29.17 -33.72
N ASP A 171 -6.66 -30.23 -34.49
CA ASP A 171 -6.47 -31.55 -33.96
C ASP A 171 -5.02 -31.69 -33.49
N ILE A 172 -4.08 -31.17 -34.26
CA ILE A 172 -2.67 -31.31 -33.91
C ILE A 172 -2.37 -30.66 -32.58
N GLU A 173 -3.02 -29.54 -32.34
CA GLU A 173 -2.84 -28.78 -31.11
C GLU A 173 -3.47 -29.52 -29.95
N LYS A 174 -4.68 -30.01 -30.17
CA LYS A 174 -5.34 -30.81 -29.18
C LYS A 174 -4.51 -32.03 -28.83
N ASP A 175 -4.00 -32.73 -29.82
CA ASP A 175 -3.21 -33.95 -29.54
C ASP A 175 -1.96 -33.65 -28.73
N TYR A 176 -1.32 -32.53 -29.02
CA TYR A 176 -0.16 -32.14 -28.27
C TYR A 176 -0.52 -31.95 -26.81
N ILE A 177 -1.64 -31.27 -26.58
CA ILE A 177 -2.09 -31.01 -25.21
C ILE A 177 -2.50 -32.27 -24.47
N GLU A 178 -3.28 -33.12 -25.11
CA GLU A 178 -3.77 -34.31 -24.46
C GLU A 178 -2.62 -35.26 -24.17
N SER A 179 -1.67 -35.26 -25.07
CA SER A 179 -0.55 -36.14 -24.94
C SER A 179 0.30 -35.70 -23.75
N PHE A 180 0.43 -34.41 -23.59
CA PHE A 180 1.07 -33.90 -22.40
C PHE A 180 0.27 -34.25 -21.13
N MET A 181 -1.05 -34.09 -21.16
CA MET A 181 -1.87 -34.33 -19.97
C MET A 181 -1.77 -35.79 -19.53
N GLU A 182 -1.65 -36.69 -20.50
CA GLU A 182 -1.56 -38.11 -20.16
C GLU A 182 -0.23 -38.35 -19.45
N ARG A 183 0.80 -37.71 -19.95
CA ARG A 183 2.08 -37.80 -19.32
C ARG A 183 2.04 -37.21 -17.90
N LEU A 184 1.40 -36.06 -17.74
CA LEU A 184 1.26 -35.45 -16.44
C LEU A 184 0.57 -36.38 -15.43
N ASN A 185 -0.41 -37.11 -15.89
CA ASN A 185 -1.18 -37.98 -15.02
C ASN A 185 -0.39 -39.21 -14.58
N ALA A 186 0.45 -39.71 -15.48
CA ALA A 186 1.24 -40.92 -15.25
C ALA A 186 2.54 -40.67 -14.45
N THR A 187 3.09 -39.48 -14.47
CA THR A 187 4.36 -39.25 -13.84
C THR A 187 4.27 -39.30 -12.30
N THR A 188 5.40 -39.61 -11.67
CA THR A 188 5.50 -39.57 -10.21
C THR A 188 6.35 -38.40 -9.71
N VAL A 189 6.81 -37.52 -10.61
CA VAL A 189 7.78 -36.50 -10.23
C VAL A 189 7.27 -35.39 -9.33
N PHE A 190 5.96 -35.32 -9.07
CA PHE A 190 5.48 -34.36 -8.03
C PHE A 190 5.38 -34.93 -6.65
N GLU A 191 5.77 -36.18 -6.49
CA GLU A 191 5.52 -36.84 -5.23
C GLU A 191 6.72 -36.81 -4.30
N GLY A 192 7.70 -35.98 -4.60
CA GLY A 192 8.95 -35.93 -3.85
C GLY A 192 9.00 -34.78 -2.85
N LYS A 193 10.20 -34.48 -2.39
CA LYS A 193 10.41 -33.44 -1.41
C LYS A 193 9.95 -32.09 -1.92
N LYS A 194 9.25 -31.36 -1.05
CA LYS A 194 8.85 -29.99 -1.28
C LYS A 194 9.76 -29.10 -0.46
N CYS A 195 10.16 -27.97 -1.03
CA CYS A 195 10.98 -27.01 -0.30
C CYS A 195 10.93 -25.62 -0.95
N LEU A 196 11.50 -24.63 -0.27
CA LEU A 196 11.62 -23.34 -0.87
C LEU A 196 12.62 -23.35 -2.02
N CYS A 197 12.13 -23.01 -3.20
CA CYS A 197 12.93 -22.93 -4.42
C CYS A 197 12.88 -21.54 -5.01
N HIS A 198 13.97 -21.18 -5.67
CA HIS A 198 14.05 -19.93 -6.42
C HIS A 198 12.99 -19.91 -7.53
N ASN A 199 12.95 -21.02 -8.27
CA ASN A 199 11.91 -21.35 -9.24
C ASN A 199 11.95 -20.59 -10.56
N ASP A 200 13.05 -19.89 -10.82
CA ASP A 200 13.33 -19.28 -12.12
C ASP A 200 14.84 -19.20 -12.27
N PHE A 201 15.46 -20.32 -11.92
CA PHE A 201 16.88 -20.39 -11.61
C PHE A 201 17.66 -20.67 -12.88
N SER A 202 17.75 -19.65 -13.72
CA SER A 202 18.38 -19.74 -15.01
C SER A 202 19.58 -18.83 -15.02
N CYS A 203 20.45 -18.92 -16.02
CA CYS A 203 21.73 -18.25 -15.80
C CYS A 203 21.68 -16.74 -15.96
N ASN A 204 20.62 -16.23 -16.58
CA ASN A 204 20.39 -14.79 -16.63
C ASN A 204 20.04 -14.19 -15.23
N HIS A 205 19.95 -15.04 -14.20
CA HIS A 205 19.76 -14.56 -12.83
C HIS A 205 20.96 -14.80 -11.94
N LEU A 206 22.04 -15.27 -12.52
CA LEU A 206 23.21 -15.60 -11.74
C LEU A 206 24.35 -14.63 -12.01
N LEU A 207 24.87 -13.99 -10.96
CA LEU A 207 25.93 -13.04 -11.10
C LEU A 207 27.32 -13.58 -10.72
N LEU A 208 28.32 -13.31 -11.57
CA LEU A 208 29.72 -13.61 -11.32
C LEU A 208 30.55 -12.40 -10.90
N ASP A 209 31.50 -12.63 -10.00
CA ASP A 209 32.51 -11.61 -9.67
C ASP A 209 33.68 -11.71 -10.63
N GLY A 210 34.67 -10.85 -10.43
CA GLY A 210 35.85 -10.81 -11.29
C GLY A 210 36.68 -12.07 -11.33
N ASN A 211 36.49 -12.96 -10.37
CA ASN A 211 37.08 -14.31 -10.45
C ASN A 211 36.16 -15.40 -10.97
N ASN A 212 35.06 -15.02 -11.62
CA ASN A 212 34.11 -15.98 -12.17
C ASN A 212 33.52 -16.90 -11.11
N ARG A 213 33.43 -16.39 -9.90
CA ARG A 213 32.75 -17.08 -8.83
C ARG A 213 31.37 -16.45 -8.66
N LEU A 214 30.47 -17.28 -8.17
CA LEU A 214 29.12 -16.86 -7.94
C LEU A 214 29.06 -15.85 -6.79
N THR A 215 28.60 -14.65 -7.12
CA THR A 215 28.56 -13.56 -6.18
C THR A 215 27.16 -13.13 -5.81
N GLY A 216 26.19 -13.41 -6.70
CA GLY A 216 24.82 -13.03 -6.40
C GLY A 216 23.79 -13.73 -7.22
N ILE A 217 22.58 -13.72 -6.67
CA ILE A 217 21.40 -14.29 -7.32
C ILE A 217 20.24 -13.33 -7.21
N ILE A 218 19.59 -13.08 -8.33
CA ILE A 218 18.44 -12.15 -8.39
C ILE A 218 17.14 -12.83 -8.82
N ASP A 219 16.07 -12.07 -8.69
CA ASP A 219 14.75 -12.41 -9.24
C ASP A 219 14.19 -13.66 -8.65
N PHE A 220 13.85 -13.54 -7.38
CA PHE A 220 13.09 -14.56 -6.66
C PHE A 220 11.60 -14.28 -6.82
N GLY A 221 11.23 -13.64 -7.93
CA GLY A 221 9.85 -13.28 -8.16
C GLY A 221 8.92 -14.45 -8.40
N ASP A 222 9.46 -15.64 -8.65
CA ASP A 222 8.60 -16.83 -8.82
C ASP A 222 8.76 -17.85 -7.71
N SER A 223 9.53 -17.48 -6.69
CA SER A 223 9.90 -18.41 -5.61
C SER A 223 8.74 -18.81 -4.76
N GLY A 224 8.87 -20.00 -4.21
CA GLY A 224 7.88 -20.55 -3.30
C GLY A 224 8.23 -21.97 -2.90
N ILE A 225 7.34 -22.56 -2.12
CA ILE A 225 7.53 -23.91 -1.63
C ILE A 225 6.94 -24.85 -2.65
N ILE A 226 7.80 -25.66 -3.25
CA ILE A 226 7.47 -26.35 -4.49
C ILE A 226 8.38 -27.57 -4.56
N ASP A 227 8.25 -28.38 -5.60
CA ASP A 227 9.16 -29.55 -5.73
C ASP A 227 10.63 -29.13 -5.79
N GLU A 228 11.43 -29.86 -5.04
CA GLU A 228 12.85 -29.68 -5.01
C GLU A 228 13.47 -29.70 -6.43
N TYR A 229 12.89 -30.52 -7.30
CA TYR A 229 13.36 -30.65 -8.69
C TYR A 229 13.32 -29.34 -9.47
N CYS A 230 12.46 -28.41 -9.04
CA CYS A 230 12.20 -27.18 -9.82
C CYS A 230 13.43 -26.36 -10.08
N ASP A 231 14.33 -26.36 -9.12
CA ASP A 231 15.45 -25.45 -9.24
C ASP A 231 16.52 -25.97 -10.18
N PHE A 232 16.29 -27.15 -10.78
CA PHE A 232 17.26 -27.74 -11.69
C PHE A 232 16.82 -27.69 -13.13
N ILE A 233 15.64 -27.14 -13.35
CA ILE A 233 14.97 -27.20 -14.64
C ILE A 233 15.73 -26.48 -15.73
N TYR A 234 16.26 -25.31 -15.43
CA TYR A 234 17.01 -24.55 -16.40
C TYR A 234 18.48 -24.92 -16.38
N LEU A 235 18.96 -25.39 -15.24
CA LEU A 235 20.32 -25.90 -15.17
C LEU A 235 20.46 -27.12 -16.05
N LEU A 236 19.39 -27.89 -16.17
CA LEU A 236 19.40 -29.07 -17.04
C LEU A 236 19.11 -28.74 -18.51
N GLU A 237 18.76 -27.49 -18.79
CA GLU A 237 18.22 -27.13 -20.11
C GLU A 237 19.29 -27.08 -21.19
N ASP A 238 18.94 -27.69 -22.31
CA ASP A 238 19.69 -27.61 -23.53
C ASP A 238 19.06 -26.55 -24.44
N SER A 239 19.66 -25.35 -24.50
CA SER A 239 19.20 -24.27 -25.36
C SER A 239 20.29 -23.22 -25.53
N GLU A 240 20.05 -22.27 -26.42
CA GLU A 240 21.01 -21.18 -26.64
C GLU A 240 21.23 -20.31 -25.42
N GLU A 241 20.18 -20.15 -24.60
CA GLU A 241 20.25 -19.31 -23.39
C GLU A 241 20.90 -19.98 -22.19
N GLU A 242 20.92 -21.30 -22.14
CA GLU A 242 21.46 -21.98 -20.98
C GLU A 242 22.74 -22.71 -21.34
N ILE A 243 23.44 -23.15 -20.31
CA ILE A 243 24.76 -23.72 -20.49
C ILE A 243 24.70 -25.09 -21.13
N GLY A 244 23.87 -25.98 -20.60
CA GLY A 244 23.74 -27.32 -21.16
C GLY A 244 23.37 -28.39 -20.14
N THR A 245 22.91 -29.52 -20.66
CA THR A 245 22.54 -30.64 -19.81
C THR A 245 23.64 -31.11 -18.83
N ASN A 246 24.90 -31.09 -19.24
CA ASN A 246 25.96 -31.64 -18.37
C ASN A 246 26.20 -30.76 -17.15
N PHE A 247 25.95 -29.47 -17.35
CA PHE A 247 26.07 -28.47 -16.29
C PHE A 247 25.10 -28.81 -15.17
N GLY A 248 23.86 -29.02 -15.54
CA GLY A 248 22.84 -29.45 -14.56
C GLY A 248 23.10 -30.80 -13.91
N GLU A 249 23.52 -31.76 -14.71
CA GLU A 249 23.89 -33.04 -14.15
C GLU A 249 24.99 -32.93 -13.09
N ASP A 250 26.07 -32.25 -13.43
CA ASP A 250 27.18 -32.17 -12.50
C ASP A 250 26.66 -31.51 -11.24
N ILE A 251 25.82 -30.48 -11.40
CA ILE A 251 25.35 -29.74 -10.25
C ILE A 251 24.50 -30.63 -9.34
N LEU A 252 23.75 -31.48 -9.99
CA LEU A 252 22.96 -32.47 -9.26
C LEU A 252 23.80 -33.46 -8.48
N ARG A 253 24.88 -33.92 -9.08
CA ARG A 253 25.79 -34.84 -8.39
C ARG A 253 26.44 -34.15 -7.19
N MET A 254 26.79 -32.88 -7.35
CA MET A 254 27.40 -32.14 -6.24
C MET A 254 26.42 -31.88 -5.12
N TYR A 255 25.20 -31.58 -5.53
CA TYR A 255 24.12 -31.31 -4.61
C TYR A 255 23.79 -32.53 -3.78
N GLY A 256 23.70 -33.68 -4.47
CA GLY A 256 23.51 -34.98 -3.82
C GLY A 256 22.13 -35.24 -3.24
N ASN A 257 21.88 -36.50 -2.90
CA ASN A 257 20.59 -36.92 -2.33
C ASN A 257 19.39 -36.52 -3.16
N ILE A 258 19.50 -36.77 -4.46
CA ILE A 258 18.42 -36.45 -5.35
C ILE A 258 18.47 -37.38 -6.57
N ASP A 259 17.32 -37.91 -6.92
CA ASP A 259 17.19 -38.77 -8.07
C ASP A 259 17.34 -37.97 -9.37
N ILE A 260 18.48 -38.13 -10.04
CA ILE A 260 18.77 -37.36 -11.23
C ILE A 260 17.82 -37.63 -12.40
N GLU A 261 17.43 -38.88 -12.53
CA GLU A 261 16.57 -39.27 -13.65
C GLU A 261 15.19 -38.66 -13.45
N LYS A 262 14.74 -38.57 -12.22
CA LYS A 262 13.53 -37.85 -11.92
C LYS A 262 13.63 -36.34 -12.10
N ALA A 263 14.77 -35.74 -11.75
CA ALA A 263 14.95 -34.32 -12.06
C ALA A 263 14.84 -34.07 -13.55
N LYS A 264 15.40 -34.96 -14.34
CA LYS A 264 15.34 -34.80 -15.79
C LYS A 264 13.99 -35.01 -16.35
N GLU A 265 13.29 -36.00 -15.81
CA GLU A 265 11.92 -36.22 -16.21
C GLU A 265 11.12 -34.94 -15.87
N TYR A 266 11.34 -34.36 -14.68
CA TYR A 266 10.66 -33.10 -14.32
C TYR A 266 10.98 -32.01 -15.35
N GLN A 267 12.26 -31.82 -15.65
CA GLN A 267 12.59 -30.79 -16.60
C GLN A 267 11.91 -31.04 -17.95
N ASP A 268 11.86 -32.32 -18.37
CA ASP A 268 11.42 -32.64 -19.69
C ASP A 268 9.92 -32.40 -19.81
N ILE A 269 9.20 -32.70 -18.74
CA ILE A 269 7.81 -32.43 -18.63
C ILE A 269 7.51 -30.92 -18.69
N VAL A 270 8.27 -30.10 -17.97
CA VAL A 270 8.08 -28.65 -18.01
C VAL A 270 8.42 -28.07 -19.36
N GLU A 271 9.44 -28.62 -20.00
CA GLU A 271 9.74 -28.18 -21.37
C GLU A 271 8.60 -28.48 -22.30
N GLU A 272 8.04 -29.68 -22.19
CA GLU A 272 6.94 -30.06 -23.07
C GLU A 272 5.80 -29.08 -22.85
N TYR A 273 5.59 -28.67 -21.59
CA TYR A 273 4.51 -27.77 -21.21
C TYR A 273 4.61 -26.31 -21.69
N TYR A 274 5.82 -25.88 -22.03
CA TYR A 274 6.12 -24.48 -22.29
C TYR A 274 5.21 -23.82 -23.30
N PRO A 275 4.97 -24.47 -24.45
CA PRO A 275 4.06 -23.80 -25.38
C PRO A 275 2.66 -23.66 -24.86
N ILE A 276 2.24 -24.59 -24.03
CA ILE A 276 0.90 -24.54 -23.44
C ILE A 276 0.87 -23.44 -22.40
N GLU A 277 1.90 -23.39 -21.57
CA GLU A 277 2.04 -22.30 -20.60
C GLU A 277 1.93 -20.95 -21.29
N THR A 278 2.56 -20.85 -22.45
CA THR A 278 2.57 -19.63 -23.23
C THR A 278 1.15 -19.29 -23.68
N ILE A 279 0.42 -20.27 -24.20
CA ILE A 279 -0.98 -20.08 -24.58
C ILE A 279 -1.78 -19.59 -23.37
N VAL A 280 -1.63 -20.28 -22.25
CA VAL A 280 -2.40 -19.91 -21.07
C VAL A 280 -2.15 -18.45 -20.65
N TYR A 281 -0.88 -18.05 -20.61
CA TYR A 281 -0.51 -16.68 -20.31
C TYR A 281 -1.27 -15.71 -21.21
N GLY A 282 -1.33 -16.02 -22.49
CA GLY A 282 -2.04 -15.18 -23.46
C GLY A 282 -3.53 -15.08 -23.17
N ILE A 283 -4.12 -16.20 -22.78
CA ILE A 283 -5.54 -16.20 -22.39
C ILE A 283 -5.75 -15.33 -21.16
N LYS A 284 -4.97 -15.56 -20.13
CA LYS A 284 -5.21 -14.93 -18.85
C LYS A 284 -4.97 -13.42 -18.91
N ASN A 285 -4.02 -13.00 -19.73
CA ASN A 285 -3.64 -11.58 -19.83
C ASN A 285 -4.22 -10.89 -21.05
N ILE A 286 -5.05 -11.61 -21.78
CA ILE A 286 -5.66 -11.10 -23.00
C ILE A 286 -4.60 -10.56 -23.97
N LYS A 287 -3.59 -11.37 -24.25
CA LYS A 287 -2.58 -11.00 -25.24
C LYS A 287 -2.46 -12.06 -26.32
N GLN A 288 -3.19 -11.82 -27.41
CA GLN A 288 -3.28 -12.76 -28.53
C GLN A 288 -1.94 -13.26 -29.05
N GLU A 289 -0.95 -12.40 -29.06
CA GLU A 289 0.36 -12.76 -29.62
C GLU A 289 0.98 -13.96 -28.88
N PHE A 290 0.74 -14.07 -27.57
CA PHE A 290 1.24 -15.21 -26.80
C PHE A 290 0.50 -16.49 -27.19
N ILE A 291 -0.81 -16.37 -27.40
CA ILE A 291 -1.62 -17.51 -27.83
C ILE A 291 -1.10 -18.02 -29.18
N GLU A 292 -0.83 -17.08 -30.06
CA GLU A 292 -0.35 -17.43 -31.37
C GLU A 292 1.04 -18.04 -31.31
N ASN A 293 1.94 -17.46 -30.52
CA ASN A 293 3.31 -17.99 -30.39
C ASN A 293 3.30 -19.43 -29.88
N GLY A 294 2.46 -19.70 -28.89
CA GLY A 294 2.44 -21.03 -28.30
C GLY A 294 1.95 -22.05 -29.29
N ARG A 295 0.88 -21.71 -29.99
CA ARG A 295 0.30 -22.59 -30.97
C ARG A 295 1.28 -22.89 -32.10
N LYS A 296 2.01 -21.88 -32.51
CA LYS A 296 2.98 -22.08 -33.56
C LYS A 296 4.10 -22.99 -33.06
N GLU A 297 4.51 -22.80 -31.82
CA GLU A 297 5.60 -23.59 -31.24
C GLU A 297 5.21 -25.07 -31.14
N ILE A 298 3.92 -25.32 -30.90
CA ILE A 298 3.44 -26.69 -30.94
C ILE A 298 3.69 -27.34 -32.29
N TYR A 299 3.45 -26.61 -33.37
CA TYR A 299 3.71 -27.12 -34.72
C TYR A 299 5.19 -27.31 -34.96
N LYS A 300 6.00 -26.37 -34.51
CA LYS A 300 7.44 -26.54 -34.70
C LYS A 300 7.91 -27.81 -33.96
N ARG A 301 7.44 -28.02 -32.74
CA ARG A 301 7.84 -29.21 -31.97
C ARG A 301 7.32 -30.49 -32.60
N THR A 302 6.09 -30.45 -33.09
CA THR A 302 5.49 -31.63 -33.70
C THR A 302 6.30 -32.09 -34.88
N TYR A 303 6.85 -31.15 -35.66
CA TYR A 303 7.54 -31.50 -36.92
C TYR A 303 9.06 -31.59 -36.77
N LYS A 304 9.58 -31.74 -35.55
CA LYS A 304 11.05 -31.61 -35.32
C LYS A 304 11.93 -32.70 -35.96
N ASP A 305 11.67 -33.97 -35.70
CA ASP A 305 12.56 -35.03 -36.24
C ASP A 305 11.89 -35.92 -37.27
N MET B 1 9.18 -17.01 -24.53
CA MET B 1 8.78 -15.88 -25.42
C MET B 1 9.83 -14.78 -25.38
N GLU B 2 10.37 -14.40 -26.55
CA GLU B 2 11.15 -13.16 -26.70
C GLU B 2 10.15 -12.01 -26.64
N TYR B 3 10.34 -11.06 -25.70
CA TYR B 3 9.37 -9.98 -25.43
C TYR B 3 10.06 -8.61 -25.37
N ARG B 4 10.24 -8.01 -26.55
CA ARG B 4 10.91 -6.71 -26.69
C ARG B 4 10.18 -5.60 -25.93
N TYR B 5 10.94 -4.81 -25.18
CA TYR B 5 10.45 -3.60 -24.48
C TYR B 5 9.63 -2.68 -25.40
N ASP B 6 8.42 -2.32 -24.96
CA ASP B 6 7.56 -1.38 -25.70
C ASP B 6 7.46 -0.09 -24.88
N ASP B 7 8.18 0.95 -25.32
CA ASP B 7 8.15 2.29 -24.70
C ASP B 7 6.74 2.93 -24.75
N ASN B 8 6.04 2.81 -25.88
CA ASN B 8 4.68 3.37 -26.00
C ASN B 8 3.67 2.73 -25.04
N ALA B 9 3.70 1.42 -24.94
CA ALA B 9 2.79 0.67 -24.05
C ALA B 9 3.04 1.11 -22.59
N THR B 10 4.30 1.18 -22.19
CA THR B 10 4.64 1.50 -20.82
C THR B 10 4.25 2.93 -20.45
N ASN B 11 4.47 3.81 -21.40
CA ASN B 11 4.22 5.23 -21.23
C ASN B 11 2.75 5.49 -20.95
N VAL B 12 1.95 4.88 -21.79
CA VAL B 12 0.54 5.01 -21.69
C VAL B 12 0.04 4.45 -20.35
N LYS B 13 0.61 3.34 -19.88
CA LYS B 13 0.23 2.76 -18.59
C LYS B 13 0.53 3.66 -17.41
N ALA B 14 1.73 4.24 -17.38
CA ALA B 14 2.08 5.18 -16.32
C ALA B 14 1.10 6.36 -16.33
N MET B 15 0.81 6.89 -17.50
CA MET B 15 -0.06 8.07 -17.53
C MET B 15 -1.49 7.70 -17.18
N LYS B 16 -1.91 6.51 -17.60
CA LYS B 16 -3.25 6.03 -17.23
C LYS B 16 -3.30 6.03 -15.73
N TYR B 17 -2.24 5.49 -15.12
CA TYR B 17 -2.20 5.35 -13.69
C TYR B 17 -2.33 6.72 -13.06
N LEU B 18 -1.57 7.67 -13.57
CA LEU B 18 -1.57 9.02 -12.97
C LEU B 18 -2.90 9.73 -13.11
N ILE B 19 -3.49 9.63 -14.29
CA ILE B 19 -4.81 10.21 -14.51
C ILE B 19 -5.87 9.68 -13.53
N GLU B 20 -5.93 8.36 -13.43
CA GLU B 20 -6.90 7.72 -12.55
C GLU B 20 -6.60 7.97 -11.09
N HIS B 21 -5.34 8.20 -10.78
CA HIS B 21 -4.94 8.43 -9.42
C HIS B 21 -5.30 9.83 -8.99
N TYR B 22 -5.04 10.81 -9.86
CA TYR B 22 -5.28 12.21 -9.51
C TYR B 22 -6.71 12.70 -9.79
N PHE B 23 -7.42 12.05 -10.69
CA PHE B 23 -8.81 12.41 -10.95
C PHE B 23 -9.70 11.25 -10.51
N ASP B 24 -10.14 11.36 -9.25
CA ASP B 24 -10.71 10.24 -8.47
CA ASP B 24 -10.75 10.26 -8.48
C ASP B 24 -11.74 9.38 -9.22
N ASN B 25 -12.69 9.99 -9.92
CA ASN B 25 -13.71 9.20 -10.53
C ASN B 25 -13.52 9.02 -12.02
N PHE B 26 -12.30 9.25 -12.52
CA PHE B 26 -12.08 9.21 -13.95
C PHE B 26 -11.59 7.83 -14.37
N LYS B 27 -12.27 7.24 -15.35
CA LYS B 27 -11.95 5.91 -15.83
C LYS B 27 -11.44 5.90 -17.25
N VAL B 28 -10.22 5.43 -17.41
CA VAL B 28 -9.58 5.40 -18.71
C VAL B 28 -9.95 4.11 -19.38
N ASP B 29 -10.74 4.19 -20.43
CA ASP B 29 -11.06 3.01 -21.24
C ASP B 29 -10.08 2.88 -22.39
N SER B 30 -9.69 4.00 -23.00
CA SER B 30 -8.65 3.96 -24.02
C SER B 30 -7.71 5.14 -23.83
N ILE B 31 -6.53 5.03 -24.37
CA ILE B 31 -5.52 6.06 -24.20
C ILE B 31 -4.39 5.86 -25.22
N GLU B 32 -4.13 6.88 -26.03
CA GLU B 32 -3.02 6.83 -26.94
C GLU B 32 -2.28 8.17 -26.97
N ILE B 33 -1.01 8.10 -27.31
CA ILE B 33 -0.17 9.27 -27.46
C ILE B 33 -0.52 9.98 -28.77
N ILE B 34 -0.87 11.25 -28.68
CA ILE B 34 -1.32 11.99 -29.85
C ILE B 34 -0.36 13.10 -30.22
N GLY B 35 0.56 13.40 -29.33
CA GLY B 35 1.57 14.38 -29.61
C GLY B 35 2.62 14.39 -28.52
N SER B 36 3.75 14.97 -28.84
CA SER B 36 4.75 15.23 -27.84
C SER B 36 5.55 16.44 -28.22
N GLY B 37 6.09 17.08 -27.20
CA GLY B 37 7.17 18.01 -27.37
C GLY B 37 8.37 17.25 -26.85
N TYR B 38 9.41 17.98 -26.54
CA TYR B 38 10.57 17.31 -25.99
C TYR B 38 10.48 17.21 -24.50
N ASP B 39 9.57 17.97 -23.89
CA ASP B 39 9.33 17.78 -22.48
C ASP B 39 7.87 17.78 -22.13
N SER B 40 7.03 17.35 -23.04
CA SER B 40 5.61 17.19 -22.74
C SER B 40 5.10 16.08 -23.61
N VAL B 41 4.05 15.48 -23.14
CA VAL B 41 3.39 14.46 -23.94
C VAL B 41 1.89 14.72 -23.82
N ALA B 42 1.22 14.61 -24.95
CA ALA B 42 -0.22 14.77 -25.01
C ALA B 42 -0.90 13.46 -25.41
N TYR B 43 -2.02 13.19 -24.74
CA TYR B 43 -2.71 11.92 -24.89
C TYR B 43 -4.13 12.14 -25.28
N LEU B 44 -4.64 11.26 -26.14
CA LEU B 44 -6.08 11.20 -26.41
C LEU B 44 -6.70 10.07 -25.63
N VAL B 45 -7.66 10.41 -24.77
CA VAL B 45 -8.20 9.47 -23.80
C VAL B 45 -9.67 9.27 -24.05
N ASN B 46 -10.11 8.01 -24.03
CA ASN B 46 -11.51 7.64 -24.29
C ASN B 46 -12.03 8.23 -25.61
N ASN B 47 -11.11 8.42 -26.55
CA ASN B 47 -11.42 9.03 -27.82
C ASN B 47 -12.17 10.37 -27.74
N GLU B 48 -11.97 11.08 -26.65
CA GLU B 48 -12.81 12.24 -26.32
C GLU B 48 -12.04 13.37 -25.65
N TYR B 49 -11.06 13.01 -24.83
CA TYR B 49 -10.32 13.98 -24.02
C TYR B 49 -8.88 14.10 -24.43
N ILE B 50 -8.38 15.33 -24.40
CA ILE B 50 -6.95 15.57 -24.54
C ILE B 50 -6.43 15.78 -23.16
N PHE B 51 -5.39 15.03 -22.82
CA PHE B 51 -4.63 15.27 -21.60
C PHE B 51 -3.23 15.70 -21.98
N LYS B 52 -2.87 16.95 -21.70
CA LYS B 52 -1.50 17.44 -21.85
C LYS B 52 -0.78 17.16 -20.57
N THR B 53 0.46 16.68 -20.65
CA THR B 53 1.18 16.36 -19.43
C THR B 53 2.62 16.76 -19.51
N LYS B 54 3.15 17.14 -18.36
CA LYS B 54 4.50 17.63 -18.26
C LYS B 54 5.07 17.27 -16.91
N PHE B 55 6.32 16.80 -16.89
CA PHE B 55 7.08 16.71 -15.64
C PHE B 55 8.07 17.92 -15.57
N SER B 56 7.85 18.97 -14.75
CA SER B 56 8.77 20.15 -14.77
C SER B 56 9.91 20.04 -13.75
N GLY B 62 5.68 24.53 -15.55
CA GLY B 62 4.28 24.49 -15.04
C GLY B 62 3.16 25.09 -15.92
N TYR B 63 1.98 24.50 -15.76
CA TYR B 63 0.76 24.73 -16.57
C TYR B 63 -0.26 25.63 -15.86
N ALA B 64 0.16 26.26 -14.78
CA ALA B 64 -0.75 27.13 -14.00
C ALA B 64 -1.15 28.35 -14.81
N LYS B 65 -0.17 28.95 -15.47
CA LYS B 65 -0.43 30.13 -16.32
C LYS B 65 -1.34 29.77 -17.48
N GLU B 66 -1.01 28.67 -18.15
CA GLU B 66 -1.78 28.21 -19.28
C GLU B 66 -3.24 28.00 -18.86
N LYS B 67 -3.44 27.33 -17.73
CA LYS B 67 -4.79 27.16 -17.19
C LYS B 67 -5.51 28.47 -16.94
N ALA B 68 -4.83 29.38 -16.26
CA ALA B 68 -5.40 30.69 -15.95
C ALA B 68 -5.75 31.39 -17.22
N ILE B 69 -4.92 31.23 -18.25
CA ILE B 69 -5.26 31.82 -19.53
C ILE B 69 -6.51 31.19 -20.16
N TYR B 70 -6.62 29.87 -20.17
CA TYR B 70 -7.82 29.27 -20.74
C TYR B 70 -9.06 29.74 -20.00
N ASN B 71 -8.98 29.83 -18.68
CA ASN B 71 -10.10 30.23 -17.91
C ASN B 71 -10.46 31.68 -18.23
N PHE B 72 -9.47 32.54 -18.28
CA PHE B 72 -9.69 33.95 -18.59
C PHE B 72 -10.34 34.09 -19.96
N LEU B 73 -9.85 33.33 -20.93
CA LEU B 73 -10.41 33.43 -22.28
C LEU B 73 -11.82 32.83 -22.41
N ASN B 74 -12.08 31.72 -21.74
CA ASN B 74 -13.39 31.10 -21.88
C ASN B 74 -14.44 31.97 -21.20
N THR B 75 -14.05 32.67 -20.14
CA THR B 75 -14.92 33.66 -19.53
C THR B 75 -15.17 34.90 -20.45
N ASN B 76 -14.12 35.45 -21.04
CA ASN B 76 -14.17 36.77 -21.64
C ASN B 76 -14.26 36.85 -23.17
N LEU B 77 -13.87 35.81 -23.89
CA LEU B 77 -13.93 35.85 -25.36
C LEU B 77 -15.31 35.57 -25.86
N GLU B 78 -15.73 36.33 -26.86
CA GLU B 78 -16.95 36.08 -27.56
C GLU B 78 -16.60 35.74 -29.01
N THR B 79 -16.61 34.46 -29.33
CA THR B 79 -16.17 34.01 -30.63
C THR B 79 -16.77 32.66 -30.86
N ASN B 80 -16.89 32.26 -32.11
CA ASN B 80 -17.32 30.91 -32.42
C ASN B 80 -16.15 29.95 -32.51
N VAL B 81 -14.93 30.50 -32.43
CA VAL B 81 -13.75 29.65 -32.49
C VAL B 81 -13.55 28.96 -31.15
N LYS B 82 -13.39 27.64 -31.18
CA LYS B 82 -13.19 26.87 -29.96
C LYS B 82 -11.74 26.96 -29.47
N ILE B 83 -11.60 26.91 -28.15
CA ILE B 83 -10.31 26.77 -27.50
C ILE B 83 -10.43 25.77 -26.37
N PRO B 84 -9.31 25.26 -25.89
CA PRO B 84 -9.43 24.28 -24.82
C PRO B 84 -10.22 24.83 -23.68
N ASN B 85 -11.03 23.98 -23.08
CA ASN B 85 -11.75 24.35 -21.88
C ASN B 85 -11.50 23.33 -20.79
N ILE B 86 -10.76 23.75 -19.78
CA ILE B 86 -10.14 22.82 -18.86
C ILE B 86 -11.18 22.26 -17.90
N GLU B 87 -11.35 20.94 -17.92
CA GLU B 87 -12.19 20.26 -16.92
C GLU B 87 -11.38 19.55 -15.84
N TYR B 88 -10.18 19.08 -16.18
CA TYR B 88 -9.32 18.42 -15.21
C TYR B 88 -7.98 19.09 -15.15
N SER B 89 -7.52 19.37 -13.93
CA SER B 89 -6.20 19.91 -13.78
C SER B 89 -5.56 19.43 -12.51
N TYR B 90 -4.27 19.13 -12.62
CA TYR B 90 -3.43 18.85 -11.48
C TYR B 90 -2.13 19.56 -11.71
N ILE B 91 -1.76 20.40 -10.77
CA ILE B 91 -0.58 21.20 -10.91
C ILE B 91 0.28 21.12 -9.65
N SER B 92 1.52 20.69 -9.85
CA SER B 92 2.52 20.64 -8.82
C SER B 92 3.85 20.96 -9.48
N ASP B 93 4.85 21.21 -8.66
CA ASP B 93 6.20 21.50 -9.15
C ASP B 93 6.72 20.45 -10.10
N GLU B 94 6.51 19.19 -9.75
CA GLU B 94 7.10 18.06 -10.46
CA GLU B 94 7.10 18.06 -10.45
C GLU B 94 6.21 17.48 -11.56
N LEU B 95 4.92 17.79 -11.53
CA LEU B 95 3.97 17.20 -12.50
C LEU B 95 2.80 18.14 -12.71
N SER B 96 2.46 18.39 -13.98
CA SER B 96 1.26 19.09 -14.35
C SER B 96 0.50 18.38 -15.44
N ILE B 97 -0.82 18.36 -15.27
CA ILE B 97 -1.72 17.69 -16.17
C ILE B 97 -2.89 18.62 -16.38
N LEU B 98 -3.25 18.82 -17.65
CA LEU B 98 -4.47 19.49 -18.04
C LEU B 98 -5.27 18.58 -18.92
N GLY B 99 -6.54 18.46 -18.61
CA GLY B 99 -7.47 17.69 -19.44
C GLY B 99 -8.66 18.52 -19.92
N TYR B 100 -8.99 18.35 -21.18
CA TYR B 100 -10.09 19.08 -21.80
C TYR B 100 -10.64 18.29 -22.97
N LYS B 101 -11.89 18.56 -23.33
CA LYS B 101 -12.50 17.83 -24.44
C LYS B 101 -11.77 18.20 -25.73
N GLU B 102 -11.42 17.17 -26.49
CA GLU B 102 -10.73 17.35 -27.74
C GLU B 102 -11.53 18.23 -28.68
N ILE B 103 -10.89 19.25 -29.24
CA ILE B 103 -11.51 20.01 -30.32
C ILE B 103 -11.36 19.24 -31.62
N LYS B 104 -12.48 18.96 -32.25
CA LYS B 104 -12.51 18.15 -33.45
C LYS B 104 -12.19 18.98 -34.69
N GLY B 105 -11.35 18.48 -35.57
CA GLY B 105 -11.05 19.15 -36.80
C GLY B 105 -9.75 18.69 -37.38
N THR B 106 -9.28 19.41 -38.40
CA THR B 106 -8.06 19.11 -39.14
C THR B 106 -7.10 20.31 -39.08
N PHE B 107 -5.84 20.03 -38.77
CA PHE B 107 -4.85 21.06 -38.63
C PHE B 107 -4.48 21.64 -39.97
N LEU B 108 -4.43 22.95 -40.02
CA LEU B 108 -4.01 23.66 -41.21
C LEU B 108 -2.58 23.33 -41.58
N THR B 109 -2.34 23.12 -42.88
CA THR B 109 -1.00 22.95 -43.43
C THR B 109 -0.87 23.70 -44.75
N PRO B 110 0.37 23.90 -45.23
CA PRO B 110 0.53 24.50 -46.54
C PRO B 110 -0.20 23.73 -47.62
N GLU B 111 -0.13 22.40 -47.57
CA GLU B 111 -0.75 21.57 -48.59
C GLU B 111 -2.27 21.81 -48.61
N ILE B 112 -2.90 21.77 -47.44
CA ILE B 112 -4.32 21.95 -47.37
C ILE B 112 -4.70 23.34 -47.88
N TYR B 113 -3.92 24.35 -47.51
CA TYR B 113 -4.23 25.73 -47.92
C TYR B 113 -4.21 25.83 -49.45
N SER B 114 -3.24 25.15 -50.06
CA SER B 114 -3.07 25.19 -51.51
C SER B 114 -4.29 24.63 -52.24
N THR B 115 -5.02 23.69 -51.62
CA THR B 115 -6.26 23.12 -52.21
C THR B 115 -7.54 23.93 -51.94
N MET B 116 -7.47 24.92 -51.08
CA MET B 116 -8.65 25.69 -50.76
C MET B 116 -8.97 26.60 -51.90
N SER B 117 -10.24 26.85 -52.11
CA SER B 117 -10.63 27.86 -53.08
C SER B 117 -10.14 29.22 -52.60
N GLU B 118 -10.03 30.14 -53.54
CA GLU B 118 -9.65 31.50 -53.22
C GLU B 118 -10.59 32.09 -52.14
N GLU B 119 -11.88 31.88 -52.30
CA GLU B 119 -12.88 32.35 -51.32
C GLU B 119 -12.67 31.70 -49.94
N GLU B 120 -12.39 30.40 -49.92
CA GLU B 120 -12.08 29.73 -48.65
C GLU B 120 -10.82 30.30 -47.99
N GLN B 121 -9.82 30.65 -48.79
CA GLN B 121 -8.61 31.22 -48.20
C GLN B 121 -8.87 32.60 -47.60
N ASN B 122 -9.62 33.41 -48.34
CA ASN B 122 -10.00 34.74 -47.86
C ASN B 122 -10.71 34.68 -46.52
N LEU B 123 -11.66 33.75 -46.41
CA LEU B 123 -12.45 33.61 -45.18
C LEU B 123 -11.57 33.18 -44.00
N LEU B 124 -10.67 32.25 -44.27
CA LEU B 124 -9.77 31.82 -43.27
C LEU B 124 -8.91 32.97 -42.74
N LYS B 125 -8.46 33.82 -43.66
CA LYS B 125 -7.68 34.98 -43.27
C LYS B 125 -8.52 35.96 -42.44
N ARG B 126 -9.75 36.19 -42.86
CA ARG B 126 -10.65 37.07 -42.13
C ARG B 126 -10.91 36.52 -40.73
N ASP B 127 -11.11 35.22 -40.64
CA ASP B 127 -11.40 34.58 -39.35
C ASP B 127 -10.19 34.72 -38.42
N ILE B 128 -9.00 34.53 -38.98
CA ILE B 128 -7.80 34.67 -38.16
C ILE B 128 -7.67 36.12 -37.65
N ALA B 129 -7.77 37.08 -38.54
CA ALA B 129 -7.63 38.52 -38.15
C ALA B 129 -8.69 38.91 -37.14
N SER B 130 -9.88 38.40 -37.35
CA SER B 130 -10.99 38.74 -36.43
C SER B 130 -10.74 38.10 -35.03
N PHE B 131 -10.31 36.86 -34.97
CA PHE B 131 -9.97 36.25 -33.68
C PHE B 131 -8.84 37.03 -32.95
N LEU B 132 -7.73 37.27 -33.67
CA LEU B 132 -6.63 38.03 -33.09
C LEU B 132 -7.05 39.45 -32.62
N ARG B 133 -7.89 40.11 -33.41
CA ARG B 133 -8.38 41.43 -33.06
C ARG B 133 -9.18 41.37 -31.76
N GLN B 134 -10.03 40.38 -31.63
CA GLN B 134 -10.79 40.26 -30.40
C GLN B 134 -9.90 39.97 -29.21
N MET B 135 -8.96 39.04 -29.35
CA MET B 135 -8.13 38.63 -28.22
C MET B 135 -7.23 39.78 -27.82
N HIS B 136 -6.62 40.43 -28.80
CA HIS B 136 -5.70 41.52 -28.47
C HIS B 136 -6.44 42.71 -27.87
N GLY B 137 -7.74 42.82 -28.16
CA GLY B 137 -8.54 43.89 -27.59
C GLY B 137 -9.00 43.69 -26.14
N LEU B 138 -8.85 42.49 -25.59
CA LEU B 138 -9.35 42.25 -24.23
C LEU B 138 -8.61 43.06 -23.17
N ASP B 139 -9.40 43.53 -22.19
CA ASP B 139 -8.90 44.12 -20.96
C ASP B 139 -8.28 42.96 -20.18
N TYR B 140 -6.97 43.03 -19.96
CA TYR B 140 -6.23 41.90 -19.40
C TYR B 140 -5.91 42.04 -17.92
N THR B 141 -6.62 42.95 -17.25
CA THR B 141 -6.43 43.21 -15.83
C THR B 141 -6.45 41.95 -14.97
N ASP B 142 -7.43 41.09 -15.23
CA ASP B 142 -7.59 39.88 -14.41
C ASP B 142 -6.48 38.85 -14.60
N ILE B 143 -5.63 39.02 -15.61
CA ILE B 143 -4.46 38.17 -15.77
C ILE B 143 -3.19 38.99 -15.84
N SER B 144 -3.19 40.12 -15.16
CA SER B 144 -2.10 41.09 -15.33
C SER B 144 -0.72 40.55 -14.93
N GLU B 145 -0.71 39.43 -14.25
CA GLU B 145 0.54 38.81 -13.81
C GLU B 145 1.17 37.98 -14.93
N CYS B 146 0.40 37.61 -15.95
CA CYS B 146 0.91 36.78 -17.04
C CYS B 146 1.65 37.61 -18.11
N THR B 147 2.59 38.44 -17.67
CA THR B 147 3.34 39.31 -18.56
C THR B 147 4.60 38.61 -18.99
N ILE B 148 5.03 38.91 -20.21
CA ILE B 148 6.22 38.31 -20.74
C ILE B 148 7.07 39.40 -21.35
N ASP B 149 8.30 39.47 -20.90
CA ASP B 149 9.26 40.42 -21.39
C ASP B 149 10.31 39.68 -22.22
N ASN B 150 10.18 39.69 -23.53
CA ASN B 150 11.08 38.90 -24.41
C ASN B 150 12.50 39.39 -24.39
N LYS B 151 12.68 40.69 -24.30
CA LYS B 151 14.02 41.26 -24.22
C LYS B 151 14.80 40.85 -22.98
N GLN B 152 14.17 41.02 -21.83
CA GLN B 152 14.71 40.56 -20.56
C GLN B 152 14.98 39.04 -20.54
N ASN B 153 14.03 38.25 -21.07
CA ASN B 153 14.21 36.80 -21.16
C ASN B 153 15.48 36.48 -21.94
N VAL B 154 15.67 37.16 -23.06
CA VAL B 154 16.88 36.93 -23.86
C VAL B 154 18.12 37.33 -23.11
N LEU B 155 18.08 38.48 -22.46
CA LEU B 155 19.23 38.88 -21.67
C LEU B 155 19.60 37.84 -20.63
N GLU B 156 18.62 37.34 -19.88
CA GLU B 156 18.90 36.32 -18.89
C GLU B 156 19.47 35.04 -19.52
N GLU B 157 18.97 34.70 -20.70
CA GLU B 157 19.54 33.54 -21.40
C GLU B 157 20.95 33.79 -21.86
N TYR B 158 21.24 35.02 -22.23
CA TYR B 158 22.59 35.32 -22.67
C TYR B 158 23.56 35.17 -21.47
N ILE B 159 23.12 35.61 -20.31
CA ILE B 159 23.94 35.51 -19.13
C ILE B 159 24.20 34.06 -18.82
N LEU B 160 23.21 33.21 -19.00
CA LEU B 160 23.40 31.79 -18.75
C LEU B 160 24.46 31.26 -19.70
N LEU B 161 24.36 31.64 -20.97
CA LEU B 161 25.39 31.23 -21.93
C LEU B 161 26.74 31.63 -21.46
N ARG B 162 26.87 32.89 -21.04
CA ARG B 162 28.17 33.39 -20.62
C ARG B 162 28.68 32.58 -19.44
N GLU B 163 27.78 32.17 -18.56
CA GLU B 163 28.14 31.43 -17.35
C GLU B 163 28.40 29.95 -17.63
N THR B 164 28.12 29.48 -18.86
CA THR B 164 28.25 28.09 -19.18
C THR B 164 29.18 27.84 -20.36
N ILE B 165 28.65 27.76 -21.56
CA ILE B 165 29.49 27.32 -22.68
C ILE B 165 30.05 28.42 -23.59
N TYR B 166 29.69 29.67 -23.35
CA TYR B 166 30.10 30.73 -24.29
C TYR B 166 31.58 30.71 -24.58
N ASN B 167 32.41 30.51 -23.57
CA ASN B 167 33.87 30.50 -23.78
C ASN B 167 34.40 29.36 -24.66
N ASP B 168 33.63 28.29 -24.81
CA ASP B 168 34.02 27.18 -25.65
C ASP B 168 33.53 27.32 -27.07
N LEU B 169 32.77 28.36 -27.37
CA LEU B 169 32.24 28.55 -28.72
C LEU B 169 33.30 29.07 -29.64
N THR B 170 33.08 28.88 -30.94
CA THR B 170 34.03 29.44 -31.92
C THR B 170 33.85 30.96 -32.05
N ASP B 171 34.81 31.61 -32.70
CA ASP B 171 34.69 33.01 -32.99
C ASP B 171 33.45 33.26 -33.84
N ILE B 172 33.20 32.42 -34.81
CA ILE B 172 32.04 32.58 -35.65
C ILE B 172 30.72 32.56 -34.86
N GLU B 173 30.65 31.64 -33.91
CA GLU B 173 29.47 31.44 -33.10
C GLU B 173 29.29 32.65 -32.17
N LYS B 174 30.38 33.06 -31.56
CA LYS B 174 30.39 34.25 -30.76
C LYS B 174 29.94 35.47 -31.53
N ASP B 175 30.50 35.69 -32.72
CA ASP B 175 30.09 36.82 -33.52
CA ASP B 175 30.09 36.83 -33.52
C ASP B 175 28.59 36.77 -33.86
N TYR B 176 28.07 35.59 -34.15
CA TYR B 176 26.65 35.49 -34.45
C TYR B 176 25.87 35.99 -33.24
N ILE B 177 26.25 35.52 -32.06
CA ILE B 177 25.54 35.82 -30.88
C ILE B 177 25.64 37.33 -30.51
N GLU B 178 26.84 37.90 -30.62
CA GLU B 178 27.06 39.30 -30.22
C GLU B 178 26.35 40.19 -31.23
N SER B 179 26.32 39.74 -32.45
CA SER B 179 25.71 40.54 -33.47
C SER B 179 24.21 40.59 -33.22
N PHE B 180 23.67 39.47 -32.78
CA PHE B 180 22.25 39.44 -32.40
C PHE B 180 22.01 40.32 -31.20
N MET B 181 22.89 40.27 -30.21
CA MET B 181 22.70 41.06 -29.01
C MET B 181 22.76 42.55 -29.29
N GLU B 182 23.59 42.95 -30.24
CA GLU B 182 23.66 44.38 -30.60
C GLU B 182 22.36 44.81 -31.28
N ARG B 183 21.83 43.92 -32.14
CA ARG B 183 20.56 44.19 -32.77
C ARG B 183 19.44 44.32 -31.75
N LEU B 184 19.44 43.39 -30.81
CA LEU B 184 18.43 43.41 -29.75
C LEU B 184 18.46 44.73 -28.99
N ASN B 185 19.63 45.24 -28.76
CA ASN B 185 19.80 46.44 -27.97
C ASN B 185 19.34 47.69 -28.72
N ALA B 186 19.53 47.66 -30.04
CA ALA B 186 19.20 48.81 -30.92
C ALA B 186 17.73 48.87 -31.36
N THR B 187 17.01 47.75 -31.39
CA THR B 187 15.67 47.72 -32.02
C THR B 187 14.66 48.51 -31.21
N THR B 188 13.68 49.06 -31.92
CA THR B 188 12.55 49.72 -31.30
C THR B 188 11.27 48.86 -31.32
N VAL B 189 11.34 47.62 -31.81
CA VAL B 189 10.10 46.82 -31.93
C VAL B 189 9.44 46.37 -30.63
N PHE B 190 10.08 46.59 -29.49
CA PHE B 190 9.41 46.28 -28.23
C PHE B 190 8.64 47.48 -27.65
N GLU B 191 8.62 48.59 -28.38
CA GLU B 191 8.08 49.81 -27.82
C GLU B 191 6.64 50.05 -28.26
N GLY B 192 5.98 49.03 -28.78
CA GLY B 192 4.61 49.17 -29.24
C GLY B 192 3.60 48.64 -28.26
N LYS B 193 2.38 48.42 -28.76
CA LYS B 193 1.26 48.00 -27.95
C LYS B 193 1.55 46.66 -27.34
N LYS B 194 1.20 46.53 -26.07
CA LYS B 194 1.26 45.25 -25.37
C LYS B 194 -0.16 44.73 -25.21
N CYS B 195 -0.35 43.43 -25.38
CA CYS B 195 -1.65 42.85 -25.18
C CYS B 195 -1.55 41.37 -24.98
N LEU B 196 -2.66 40.77 -24.62
CA LEU B 196 -2.69 39.30 -24.53
C LEU B 196 -2.57 38.67 -25.90
N CYS B 197 -1.51 37.88 -26.08
CA CYS B 197 -1.25 37.13 -27.32
C CYS B 197 -1.17 35.65 -27.08
N HIS B 198 -1.55 34.89 -28.11
CA HIS B 198 -1.42 33.46 -28.09
C HIS B 198 0.04 33.12 -27.92
N ASN B 199 0.86 33.76 -28.75
CA ASN B 199 2.32 33.72 -28.70
C ASN B 199 3.00 32.42 -29.18
N ASP B 200 2.25 31.58 -29.88
CA ASP B 200 2.81 30.42 -30.58
C ASP B 200 1.84 30.09 -31.71
N PHE B 201 1.50 31.16 -32.44
CA PHE B 201 0.35 31.16 -33.33
C PHE B 201 0.74 30.72 -34.71
N SER B 202 0.98 29.43 -34.85
CA SER B 202 1.49 28.84 -36.06
C SER B 202 0.43 27.86 -36.55
N CYS B 203 0.55 27.40 -37.78
CA CYS B 203 -0.63 26.73 -38.31
C CYS B 203 -0.84 25.36 -37.77
N ASN B 204 0.17 24.77 -37.14
CA ASN B 204 0.00 23.52 -36.43
C ASN B 204 -0.85 23.66 -35.13
N HIS B 205 -1.29 24.88 -34.83
CA HIS B 205 -2.22 25.09 -33.74
C HIS B 205 -3.60 25.52 -34.20
N LEU B 206 -3.82 25.52 -35.51
CA LEU B 206 -5.04 26.03 -36.04
C LEU B 206 -5.87 24.89 -36.64
N LEU B 207 -7.11 24.76 -36.16
CA LEU B 207 -7.96 23.70 -36.61
C LEU B 207 -9.02 24.20 -37.62
N LEU B 208 -9.17 23.44 -38.70
CA LEU B 208 -10.24 23.61 -39.68
C LEU B 208 -11.37 22.61 -39.53
N ASP B 209 -12.61 23.06 -39.76
CA ASP B 209 -13.74 22.16 -39.90
C ASP B 209 -13.84 21.58 -41.32
N GLY B 210 -14.85 20.76 -41.56
CA GLY B 210 -15.10 20.19 -42.90
C GLY B 210 -15.37 21.20 -44.02
N ASN B 211 -15.72 22.44 -43.67
CA ASN B 211 -15.80 23.52 -44.66
C ASN B 211 -14.53 24.40 -44.75
N ASN B 212 -13.40 23.92 -44.22
CA ASN B 212 -12.14 24.68 -44.22
C ASN B 212 -12.26 26.06 -43.56
N ARG B 213 -13.16 26.16 -42.58
CA ARG B 213 -13.28 27.34 -41.77
C ARG B 213 -12.54 27.07 -40.46
N LEU B 214 -12.04 28.15 -39.90
CA LEU B 214 -11.33 28.10 -38.68
C LEU B 214 -12.32 27.71 -37.61
N THR B 215 -12.07 26.57 -36.96
CA THR B 215 -12.99 26.05 -35.95
C THR B 215 -12.40 26.00 -34.55
N GLY B 216 -11.08 25.95 -34.46
CA GLY B 216 -10.47 25.97 -33.18
C GLY B 216 -9.00 26.32 -33.16
N ILE B 217 -8.56 26.69 -31.98
CA ILE B 217 -7.17 27.11 -31.72
C ILE B 217 -6.72 26.47 -30.43
N ILE B 218 -5.58 25.81 -30.47
CA ILE B 218 -5.03 25.14 -29.32
C ILE B 218 -3.68 25.73 -28.91
N ASP B 219 -3.22 25.23 -27.78
CA ASP B 219 -1.87 25.45 -27.25
C ASP B 219 -1.60 26.93 -26.99
N PHE B 220 -2.29 27.45 -25.97
CA PHE B 220 -2.01 28.75 -25.42
C PHE B 220 -0.91 28.64 -24.33
N GLY B 221 -0.05 27.64 -24.44
CA GLY B 221 0.94 27.37 -23.41
C GLY B 221 2.09 28.37 -23.33
N ASP B 222 2.23 29.24 -24.33
CA ASP B 222 3.20 30.28 -24.26
C ASP B 222 2.54 31.66 -24.20
N SER B 223 1.22 31.73 -24.07
CA SER B 223 0.49 32.98 -24.05
C SER B 223 0.81 33.85 -22.85
N GLY B 224 0.64 35.14 -23.08
CA GLY B 224 0.79 36.14 -22.07
C GLY B 224 0.66 37.52 -22.67
N ILE B 225 0.89 38.52 -21.81
CA ILE B 225 0.77 39.90 -22.18
C ILE B 225 2.14 40.27 -22.69
N ILE B 226 2.18 40.60 -23.97
CA ILE B 226 3.43 40.71 -24.70
C ILE B 226 3.19 41.62 -25.90
N ASP B 227 4.22 41.87 -26.71
CA ASP B 227 4.01 42.71 -27.87
C ASP B 227 2.94 42.15 -28.81
N GLU B 228 2.08 43.05 -29.29
CA GLU B 228 1.05 42.74 -30.25
C GLU B 228 1.63 42.04 -31.50
N TYR B 229 2.85 42.42 -31.88
CA TYR B 229 3.52 41.82 -33.06
C TYR B 229 3.71 40.30 -32.95
N CYS B 230 3.76 39.79 -31.72
CA CYS B 230 4.11 38.39 -31.49
C CYS B 230 3.21 37.43 -32.20
N ASP B 231 1.92 37.77 -32.32
CA ASP B 231 1.00 36.84 -32.91
C ASP B 231 1.04 36.77 -34.39
N PHE B 232 1.95 37.52 -35.02
CA PHE B 232 2.10 37.48 -36.50
C PHE B 232 3.40 36.86 -36.98
N ILE B 233 4.21 36.40 -36.03
CA ILE B 233 5.54 35.95 -36.30
C ILE B 233 5.54 34.76 -37.23
N TYR B 234 4.63 33.82 -36.98
CA TYR B 234 4.60 32.58 -37.79
C TYR B 234 3.70 32.73 -38.99
N LEU B 235 2.68 33.55 -38.84
CA LEU B 235 1.87 33.92 -40.00
C LEU B 235 2.72 34.61 -41.10
N LEU B 236 3.74 35.34 -40.70
CA LEU B 236 4.66 35.94 -41.63
C LEU B 236 5.75 35.01 -42.14
N GLU B 237 5.86 33.81 -41.56
CA GLU B 237 7.05 32.98 -41.80
C GLU B 237 7.02 32.33 -43.20
N ASP B 238 8.16 32.40 -43.87
CA ASP B 238 8.39 31.65 -45.10
C ASP B 238 9.19 30.38 -44.76
N SER B 239 8.51 29.25 -44.75
CA SER B 239 9.12 27.93 -44.45
C SER B 239 8.20 26.80 -44.90
N GLU B 240 8.72 25.58 -44.84
CA GLU B 240 7.94 24.39 -45.20
C GLU B 240 6.75 24.19 -44.29
N GLU B 241 6.84 24.59 -43.04
CA GLU B 241 5.77 24.41 -42.08
C GLU B 241 4.68 25.47 -42.13
N GLU B 242 4.98 26.64 -42.67
CA GLU B 242 4.00 27.71 -42.62
C GLU B 242 3.56 28.07 -44.05
N ILE B 243 2.49 28.83 -44.16
CA ILE B 243 1.84 29.09 -45.44
C ILE B 243 2.59 30.07 -46.34
N GLY B 244 3.03 31.18 -45.79
CA GLY B 244 3.91 32.08 -46.54
C GLY B 244 3.79 33.53 -46.09
N THR B 245 4.78 34.31 -46.45
CA THR B 245 4.79 35.71 -46.09
C THR B 245 3.51 36.47 -46.54
N ASN B 246 2.92 36.13 -47.69
CA ASN B 246 1.76 36.91 -48.17
C ASN B 246 0.52 36.66 -47.36
N PHE B 247 0.43 35.46 -46.81
CA PHE B 247 -0.62 35.07 -45.89
C PHE B 247 -0.60 36.03 -44.69
N GLY B 248 0.57 36.19 -44.06
CA GLY B 248 0.71 37.07 -42.91
C GLY B 248 0.44 38.53 -43.25
N GLU B 249 0.95 38.96 -44.39
CA GLU B 249 0.73 40.31 -44.84
C GLU B 249 -0.76 40.58 -45.07
N ASP B 250 -1.45 39.69 -45.75
CA ASP B 250 -2.91 39.88 -45.94
C ASP B 250 -3.64 39.95 -44.62
N ILE B 251 -3.25 39.07 -43.70
CA ILE B 251 -3.89 39.01 -42.43
C ILE B 251 -3.66 40.31 -41.66
N LEU B 252 -2.45 40.82 -41.76
CA LEU B 252 -2.12 42.09 -41.12
C LEU B 252 -2.97 43.25 -41.70
N ARG B 253 -3.15 43.26 -42.99
CA ARG B 253 -3.96 44.31 -43.58
C ARG B 253 -5.40 44.21 -43.14
N MET B 254 -5.92 43.00 -43.03
CA MET B 254 -7.30 42.80 -42.59
C MET B 254 -7.45 43.23 -41.15
N TYR B 255 -6.44 42.87 -40.37
CA TYR B 255 -6.42 43.16 -38.96
C TYR B 255 -6.39 44.69 -38.77
N GLY B 256 -5.50 45.36 -39.50
CA GLY B 256 -5.40 46.84 -39.50
C GLY B 256 -4.73 47.48 -38.30
N ASN B 257 -4.41 48.75 -38.42
CA ASN B 257 -3.82 49.53 -37.37
C ASN B 257 -2.62 48.89 -36.77
N ILE B 258 -1.70 48.44 -37.63
CA ILE B 258 -0.47 47.87 -37.19
C ILE B 258 0.61 48.06 -38.22
N ASP B 259 1.79 48.47 -37.75
CA ASP B 259 2.93 48.71 -38.61
C ASP B 259 3.46 47.39 -39.14
N ILE B 260 3.20 47.11 -40.41
CA ILE B 260 3.60 45.84 -41.00
C ILE B 260 5.11 45.64 -41.07
N GLU B 261 5.87 46.70 -41.31
CA GLU B 261 7.32 46.62 -41.39
CA GLU B 261 7.32 46.59 -41.41
C GLU B 261 7.92 46.24 -40.04
N LYS B 262 7.34 46.79 -38.99
CA LYS B 262 7.76 46.45 -37.66
C LYS B 262 7.37 45.06 -37.27
N ALA B 263 6.19 44.61 -37.68
CA ALA B 263 5.83 43.21 -37.48
C ALA B 263 6.86 42.30 -38.13
N LYS B 264 7.32 42.66 -39.32
CA LYS B 264 8.32 41.86 -39.99
C LYS B 264 9.68 41.93 -39.34
N GLU B 265 10.05 43.11 -38.84
CA GLU B 265 11.30 43.26 -38.11
C GLU B 265 11.22 42.32 -36.89
N TYR B 266 10.07 42.30 -36.22
CA TYR B 266 9.95 41.48 -35.01
C TYR B 266 10.15 40.02 -35.41
N GLN B 267 9.50 39.61 -36.49
CA GLN B 267 9.62 38.24 -36.90
C GLN B 267 11.07 37.92 -37.22
N ASP B 268 11.77 38.86 -37.84
CA ASP B 268 13.13 38.60 -38.29
C ASP B 268 14.12 38.50 -37.11
N ILE B 269 13.90 39.31 -36.11
CA ILE B 269 14.67 39.24 -34.89
C ILE B 269 14.47 37.90 -34.18
N VAL B 270 13.22 37.45 -34.09
CA VAL B 270 12.93 36.15 -33.48
C VAL B 270 13.54 35.03 -34.26
N GLU B 271 13.50 35.14 -35.58
CA GLU B 271 14.13 34.13 -36.43
C GLU B 271 15.63 34.12 -36.20
N GLU B 272 16.25 35.29 -36.07
CA GLU B 272 17.70 35.34 -35.88
C GLU B 272 18.06 34.65 -34.58
N TYR B 273 17.22 34.83 -33.56
CA TYR B 273 17.45 34.26 -32.25
C TYR B 273 17.31 32.75 -32.13
N TYR B 274 16.55 32.14 -33.04
CA TYR B 274 16.13 30.73 -32.93
C TYR B 274 17.25 29.74 -32.67
N PRO B 275 18.31 29.81 -33.45
CA PRO B 275 19.39 28.87 -33.07
C PRO B 275 19.94 29.05 -31.66
N ILE B 276 19.98 30.28 -31.20
CA ILE B 276 20.53 30.58 -29.86
C ILE B 276 19.54 30.02 -28.83
N GLU B 277 18.24 30.28 -29.04
CA GLU B 277 17.20 29.73 -28.20
C GLU B 277 17.40 28.22 -28.08
N THR B 278 17.73 27.59 -29.21
CA THR B 278 17.87 26.13 -29.26
C THR B 278 19.06 25.69 -28.40
N ILE B 279 20.19 26.38 -28.56
CA ILE B 279 21.35 26.11 -27.68
C ILE B 279 20.95 26.25 -26.22
N VAL B 280 20.28 27.33 -25.89
CA VAL B 280 19.90 27.58 -24.49
C VAL B 280 19.05 26.46 -23.91
N TYR B 281 18.04 26.05 -24.65
CA TYR B 281 17.23 24.93 -24.25
C TYR B 281 18.12 23.73 -23.90
N GLY B 282 19.12 23.47 -24.73
CA GLY B 282 20.00 22.32 -24.57
C GLY B 282 20.84 22.42 -23.31
N ILE B 283 21.30 23.62 -23.02
CA ILE B 283 21.98 23.88 -21.77
C ILE B 283 21.07 23.67 -20.57
N LYS B 284 19.90 24.30 -20.59
CA LYS B 284 19.01 24.25 -19.43
C LYS B 284 18.55 22.83 -19.11
N ASN B 285 18.31 22.04 -20.15
CA ASN B 285 17.72 20.72 -19.99
C ASN B 285 18.73 19.61 -20.09
N ILE B 286 20.00 19.99 -20.19
CA ILE B 286 21.10 19.06 -20.33
C ILE B 286 20.87 18.10 -21.50
N LYS B 287 20.57 18.64 -22.66
CA LYS B 287 20.39 17.83 -23.86
C LYS B 287 21.33 18.28 -24.96
N GLN B 288 22.48 17.62 -25.03
CA GLN B 288 23.55 17.98 -25.94
C GLN B 288 23.08 18.13 -27.39
N GLU B 289 22.17 17.28 -27.82
CA GLU B 289 21.68 17.28 -29.19
C GLU B 289 21.12 18.66 -29.62
N PHE B 290 20.46 19.35 -28.69
CA PHE B 290 19.94 20.69 -28.95
C PHE B 290 21.06 21.71 -29.08
N ILE B 291 22.09 21.59 -28.23
CA ILE B 291 23.24 22.46 -28.31
C ILE B 291 23.90 22.31 -29.69
N GLU B 292 24.03 21.06 -30.11
CA GLU B 292 24.72 20.73 -31.34
C GLU B 292 23.86 21.18 -32.56
N ASN B 293 22.54 20.98 -32.50
CA ASN B 293 21.63 21.50 -33.56
C ASN B 293 21.62 23.03 -33.74
N GLY B 294 21.63 23.77 -32.63
CA GLY B 294 21.69 25.20 -32.69
C GLY B 294 22.99 25.70 -33.28
N ARG B 295 24.10 25.11 -32.84
CA ARG B 295 25.40 25.53 -33.33
C ARG B 295 25.54 25.29 -34.83
N LYS B 296 24.99 24.17 -35.27
CA LYS B 296 25.09 23.79 -36.66
C LYS B 296 24.25 24.75 -37.49
N GLU B 297 23.09 25.11 -36.97
CA GLU B 297 22.23 26.05 -37.65
C GLU B 297 22.95 27.43 -37.78
N ILE B 298 23.68 27.85 -36.75
CA ILE B 298 24.49 29.09 -36.83
C ILE B 298 25.53 28.97 -37.95
N TYR B 299 26.11 27.79 -38.04
CA TYR B 299 27.10 27.45 -39.05
C TYR B 299 26.48 27.46 -40.46
N LYS B 300 25.28 26.91 -40.63
CA LYS B 300 24.62 27.01 -41.92
C LYS B 300 24.31 28.46 -42.27
N ARG B 301 23.82 29.23 -41.30
CA ARG B 301 23.44 30.62 -41.55
C ARG B 301 24.68 31.45 -41.90
N THR B 302 25.82 31.10 -41.30
CA THR B 302 27.13 31.75 -41.56
C THR B 302 27.91 31.33 -42.82
N TYR B 303 27.78 30.06 -43.22
CA TYR B 303 28.41 29.52 -44.44
C TYR B 303 27.46 29.29 -45.63
N LYS B 304 26.33 30.04 -45.72
CA LYS B 304 25.42 29.88 -46.86
C LYS B 304 24.56 31.12 -47.02
N ALA C 9 -13.12 -3.58 21.35
CA ALA C 9 -13.56 -3.15 19.98
C ALA C 9 -12.37 -3.08 18.97
N THR C 10 -11.29 -2.42 19.37
CA THR C 10 -10.16 -2.17 18.47
C THR C 10 -9.46 -3.48 18.09
N ASN C 11 -9.40 -4.38 19.07
CA ASN C 11 -8.77 -5.69 18.93
CA ASN C 11 -8.74 -5.67 18.90
C ASN C 11 -9.46 -6.53 17.86
N VAL C 12 -10.76 -6.61 17.99
CA VAL C 12 -11.56 -7.32 17.05
C VAL C 12 -11.40 -6.74 15.65
N LYS C 13 -11.33 -5.41 15.54
CA LYS C 13 -11.19 -4.78 14.21
C LYS C 13 -9.88 -5.12 13.52
N ALA C 14 -8.79 -5.06 14.27
CA ALA C 14 -7.50 -5.38 13.71
C ALA C 14 -7.54 -6.83 13.23
N MET C 15 -8.08 -7.72 14.06
CA MET C 15 -8.05 -9.13 13.71
C MET C 15 -8.98 -9.42 12.53
N LYS C 16 -10.11 -8.71 12.47
CA LYS C 16 -10.97 -8.83 11.32
C LYS C 16 -10.17 -8.47 10.09
N TYR C 17 -9.46 -7.36 10.19
CA TYR C 17 -8.69 -6.91 9.05
C TYR C 17 -7.67 -7.97 8.62
N LEU C 18 -6.97 -8.53 9.59
CA LEU C 18 -5.94 -9.50 9.27
C LEU C 18 -6.47 -10.79 8.64
N ILE C 19 -7.56 -11.29 9.22
CA ILE C 19 -8.24 -12.47 8.66
C ILE C 19 -8.62 -12.26 7.19
N GLU C 20 -9.30 -11.15 6.92
CA GLU C 20 -9.77 -10.84 5.56
C GLU C 20 -8.62 -10.52 4.61
N HIS C 21 -7.51 -10.05 5.16
CA HIS C 21 -6.33 -9.75 4.36
C HIS C 21 -5.60 -11.04 3.96
N TYR C 22 -5.42 -11.94 4.92
CA TYR C 22 -4.66 -13.16 4.67
C TYR C 22 -5.46 -14.32 4.08
N PHE C 23 -6.78 -14.30 4.27
CA PHE C 23 -7.62 -15.34 3.69
C PHE C 23 -8.53 -14.69 2.67
N ASP C 24 -8.02 -14.68 1.44
CA ASP C 24 -8.52 -13.83 0.34
C ASP C 24 -10.02 -13.71 0.22
N ASN C 25 -10.71 -14.83 0.24
CA ASN C 25 -12.13 -14.78 -0.01
C ASN C 25 -12.96 -14.93 1.26
N PHE C 26 -12.37 -14.67 2.42
CA PHE C 26 -13.07 -14.85 3.68
C PHE C 26 -13.70 -13.56 4.16
N LYS C 27 -14.99 -13.61 4.47
CA LYS C 27 -15.74 -12.44 4.88
C LYS C 27 -16.22 -12.57 6.31
N VAL C 28 -15.79 -11.63 7.14
CA VAL C 28 -16.17 -11.59 8.53
C VAL C 28 -17.45 -10.83 8.71
N ASP C 29 -18.52 -11.52 9.02
CA ASP C 29 -19.79 -10.87 9.33
C ASP C 29 -19.94 -10.58 10.82
N SER C 30 -19.47 -11.49 11.66
CA SER C 30 -19.37 -11.23 13.10
C SER C 30 -18.04 -11.74 13.65
N ILE C 31 -17.62 -11.18 14.79
CA ILE C 31 -16.34 -11.56 15.39
C ILE C 31 -16.28 -11.13 16.85
N GLU C 32 -16.05 -12.09 17.75
CA GLU C 32 -15.92 -11.76 19.15
C GLU C 32 -14.82 -12.59 19.79
N ILE C 33 -14.26 -12.03 20.85
CA ILE C 33 -13.20 -12.67 21.59
C ILE C 33 -13.80 -13.76 22.43
N ILE C 34 -13.34 -14.99 22.26
CA ILE C 34 -13.91 -16.13 22.98
C ILE C 34 -12.90 -16.73 23.97
N GLY C 35 -11.65 -16.31 23.88
CA GLY C 35 -10.66 -16.74 24.84
C GLY C 35 -9.38 -16.00 24.65
N SER C 36 -8.53 -16.05 25.67
CA SER C 36 -7.18 -15.57 25.53
C SER C 36 -6.26 -16.31 26.48
N GLY C 37 -5.00 -16.37 26.08
CA GLY C 37 -3.93 -16.74 26.96
C GLY C 37 -3.12 -15.50 27.23
N TYR C 38 -1.89 -15.69 27.68
CA TYR C 38 -1.05 -14.55 27.94
C TYR C 38 -0.24 -14.16 26.69
N ASP C 39 -0.16 -15.04 25.70
CA ASP C 39 0.37 -14.58 24.44
C ASP C 39 -0.46 -15.06 23.23
N SER C 40 -1.77 -15.24 23.42
CA SER C 40 -2.65 -15.59 22.33
C SER C 40 -4.04 -15.08 22.56
N VAL C 41 -4.77 -14.90 21.47
CA VAL C 41 -6.18 -14.54 21.56
C VAL C 41 -6.97 -15.38 20.56
N ALA C 42 -8.11 -15.85 21.01
CA ALA C 42 -8.98 -16.69 20.21
C ALA C 42 -10.28 -15.98 19.93
N TYR C 43 -10.76 -16.12 18.70
CA TYR C 43 -11.93 -15.43 18.26
C TYR C 43 -12.96 -16.38 17.69
N LEU C 44 -14.22 -16.08 17.96
CA LEU C 44 -15.34 -16.74 17.29
C LEU C 44 -15.85 -15.86 16.18
N VAL C 45 -15.81 -16.40 14.96
CA VAL C 45 -16.10 -15.63 13.78
C VAL C 45 -17.31 -16.22 13.07
N ASN C 46 -18.23 -15.33 12.65
CA ASN C 46 -19.46 -15.72 11.94
C ASN C 46 -20.23 -16.76 12.71
N ASN C 47 -20.09 -16.75 14.03
CA ASN C 47 -20.71 -17.71 14.88
C ASN C 47 -20.45 -19.18 14.45
N GLU C 48 -19.33 -19.43 13.79
CA GLU C 48 -19.08 -20.71 13.08
C GLU C 48 -17.62 -21.15 13.15
N TYR C 49 -16.71 -20.19 13.13
CA TYR C 49 -15.28 -20.48 13.06
C TYR C 49 -14.55 -20.02 14.29
N ILE C 50 -13.57 -20.83 14.69
CA ILE C 50 -12.62 -20.42 15.72
C ILE C 50 -11.36 -19.99 15.00
N PHE C 51 -10.87 -18.82 15.35
CA PHE C 51 -9.55 -18.37 14.90
C PHE C 51 -8.63 -18.15 16.09
N LYS C 52 -7.60 -19.00 16.23
CA LYS C 52 -6.58 -18.84 17.28
C LYS C 52 -5.51 -17.97 16.71
N THR C 53 -5.02 -16.99 17.47
CA THR C 53 -4.07 -16.03 16.92
C THR C 53 -3.00 -15.64 17.91
N LYS C 54 -1.82 -15.33 17.38
CA LYS C 54 -0.71 -14.97 18.23
C LYS C 54 0.23 -14.12 17.44
N PHE C 55 0.80 -13.10 18.11
CA PHE C 55 1.90 -12.31 17.55
C PHE C 55 3.23 -12.84 17.99
N SER C 56 4.31 -12.08 17.82
CA SER C 56 5.63 -12.62 18.14
C SER C 56 5.72 -13.07 19.58
N THR C 57 6.37 -14.21 19.78
CA THR C 57 6.62 -14.77 21.12
C THR C 57 8.01 -15.36 21.20
N ASN C 58 8.42 -15.60 22.43
CA ASN C 58 9.66 -16.30 22.68
C ASN C 58 9.62 -17.73 22.09
N LYS C 59 8.54 -18.46 22.40
CA LYS C 59 8.38 -19.83 21.90
C LYS C 59 8.09 -19.74 20.41
N LYS C 60 8.76 -20.57 19.61
CA LYS C 60 8.69 -20.49 18.13
C LYS C 60 8.13 -21.72 17.43
N LYS C 61 7.69 -21.55 16.18
CA LYS C 61 7.15 -22.66 15.35
C LYS C 61 5.82 -23.21 15.93
N GLY C 62 5.32 -22.55 16.99
CA GLY C 62 4.30 -23.10 17.83
C GLY C 62 3.05 -23.46 17.08
N TYR C 63 2.52 -22.55 16.26
CA TYR C 63 1.29 -22.90 15.55
C TYR C 63 1.59 -23.83 14.40
N ALA C 64 2.83 -23.87 13.93
CA ALA C 64 3.17 -24.86 12.91
C ALA C 64 3.06 -26.31 13.44
N LYS C 65 3.57 -26.56 14.64
CA LYS C 65 3.51 -27.89 15.21
C LYS C 65 2.09 -28.29 15.44
N GLU C 66 1.34 -27.36 15.99
CA GLU C 66 -0.02 -27.64 16.36
C GLU C 66 -0.78 -28.04 15.10
N LYS C 67 -0.58 -27.29 14.04
CA LYS C 67 -1.19 -27.61 12.77
C LYS C 67 -0.81 -28.99 12.29
N ALA C 68 0.49 -29.28 12.33
CA ALA C 68 0.98 -30.61 11.93
C ALA C 68 0.35 -31.74 12.78
N ILE C 69 0.14 -31.48 14.06
CA ILE C 69 -0.51 -32.46 14.91
C ILE C 69 -1.98 -32.63 14.53
N TYR C 70 -2.71 -31.54 14.27
CA TYR C 70 -4.11 -31.70 13.83
C TYR C 70 -4.16 -32.52 12.54
N ASN C 71 -3.26 -32.26 11.63
CA ASN C 71 -3.28 -32.94 10.35
CA ASN C 71 -3.28 -32.95 10.34
C ASN C 71 -2.98 -34.44 10.52
N PHE C 72 -1.96 -34.75 11.34
CA PHE C 72 -1.60 -36.12 11.64
C PHE C 72 -2.79 -36.85 12.28
N LEU C 73 -3.43 -36.22 13.25
CA LEU C 73 -4.56 -36.84 13.88
C LEU C 73 -5.82 -36.97 12.99
N ASN C 74 -6.12 -35.97 12.16
CA ASN C 74 -7.31 -36.06 11.35
C ASN C 74 -7.13 -37.15 10.29
N THR C 75 -5.89 -37.34 9.85
CA THR C 75 -5.56 -38.46 8.98
C THR C 75 -5.70 -39.83 9.69
N ASN C 76 -5.12 -39.96 10.88
CA ASN C 76 -4.88 -41.26 11.49
C ASN C 76 -5.83 -41.72 12.57
N LEU C 77 -6.55 -40.81 13.20
CA LEU C 77 -7.48 -41.21 14.26
C LEU C 77 -8.76 -41.75 13.66
N GLU C 78 -9.27 -42.82 14.26
CA GLU C 78 -10.60 -43.29 13.96
C GLU C 78 -11.47 -43.17 15.22
N THR C 79 -12.29 -42.13 15.26
CA THR C 79 -13.03 -41.83 16.47
C THR C 79 -14.22 -41.00 16.08
N ASN C 80 -15.25 -40.99 16.93
CA ASN C 80 -16.38 -40.09 16.73
C ASN C 80 -16.21 -38.81 17.53
N VAL C 81 -15.13 -38.72 18.29
CA VAL C 81 -14.83 -37.46 18.99
C VAL C 81 -14.22 -36.45 18.03
N LYS C 82 -14.76 -35.25 18.01
CA LYS C 82 -14.26 -34.21 17.10
C LYS C 82 -13.01 -33.56 17.64
N ILE C 83 -12.14 -33.18 16.74
CA ILE C 83 -11.01 -32.31 17.05
C ILE C 83 -10.87 -31.22 15.98
N PRO C 84 -10.16 -30.14 16.30
CA PRO C 84 -10.04 -29.12 15.29
C PRO C 84 -9.58 -29.67 13.99
N ASN C 85 -10.17 -29.13 12.93
CA ASN C 85 -9.70 -29.46 11.61
C ASN C 85 -9.40 -28.17 10.87
N ILE C 86 -8.12 -27.94 10.63
CA ILE C 86 -7.66 -26.65 10.19
C ILE C 86 -8.01 -26.40 8.72
N GLU C 87 -8.80 -25.36 8.47
CA GLU C 87 -9.11 -24.93 7.10
C GLU C 87 -8.30 -23.71 6.68
N TYR C 88 -7.99 -22.85 7.64
CA TYR C 88 -7.23 -21.64 7.35
C TYR C 88 -6.02 -21.57 8.23
N SER C 89 -4.88 -21.30 7.62
CA SER C 89 -3.68 -21.13 8.38
C SER C 89 -2.78 -20.11 7.74
N TYR C 90 -2.23 -19.25 8.60
CA TYR C 90 -1.17 -18.33 8.21
C TYR C 90 -0.12 -18.39 9.29
N ILE C 91 1.11 -18.71 8.91
CA ILE C 91 2.18 -18.87 9.87
C ILE C 91 3.40 -18.09 9.44
N SER C 92 3.83 -17.20 10.31
CA SER C 92 5.02 -16.39 10.12
C SER C 92 5.59 -16.07 11.51
N ASP C 93 6.82 -15.58 11.55
CA ASP C 93 7.49 -15.22 12.80
C ASP C 93 6.67 -14.26 13.66
N GLU C 94 6.15 -13.24 13.01
CA GLU C 94 5.48 -12.12 13.69
C GLU C 94 3.97 -12.35 13.90
N LEU C 95 3.41 -13.33 13.18
CA LEU C 95 1.98 -13.59 13.29
C LEU C 95 1.58 -14.99 12.85
N SER C 96 0.78 -15.65 13.66
CA SER C 96 0.23 -16.93 13.28
C SER C 96 -1.24 -16.94 13.59
N ILE C 97 -1.99 -17.53 12.66
CA ILE C 97 -3.41 -17.70 12.77
C ILE C 97 -3.78 -19.11 12.34
N LEU C 98 -4.63 -19.76 13.12
CA LEU C 98 -5.27 -20.99 12.74
C LEU C 98 -6.77 -20.85 12.82
N GLY C 99 -7.45 -21.24 11.76
CA GLY C 99 -8.90 -21.22 11.73
C GLY C 99 -9.50 -22.60 11.45
N TYR C 100 -10.57 -22.91 12.16
CA TYR C 100 -11.24 -24.16 12.00
C TYR C 100 -12.67 -23.98 12.45
N LYS C 101 -13.54 -24.86 11.98
CA LYS C 101 -14.92 -24.81 12.38
C LYS C 101 -15.00 -25.08 13.86
N GLU C 102 -15.74 -24.22 14.56
CA GLU C 102 -16.00 -24.36 15.98
C GLU C 102 -16.66 -25.70 16.23
N ILE C 103 -16.08 -26.47 17.13
CA ILE C 103 -16.76 -27.66 17.59
C ILE C 103 -17.84 -27.22 18.56
N LYS C 104 -19.07 -27.63 18.30
CA LYS C 104 -20.22 -27.21 19.10
C LYS C 104 -20.36 -28.03 20.33
N GLY C 105 -20.62 -27.36 21.44
CA GLY C 105 -20.85 -28.07 22.65
C GLY C 105 -20.64 -27.20 23.86
N THR C 106 -20.63 -27.85 25.02
CA THR C 106 -20.41 -27.23 26.33
C THR C 106 -19.17 -27.83 27.00
N PHE C 107 -18.29 -26.96 27.52
CA PHE C 107 -17.07 -27.41 28.20
C PHE C 107 -17.37 -28.01 29.53
N LEU C 108 -16.74 -29.14 29.78
CA LEU C 108 -16.91 -29.89 31.01
C LEU C 108 -16.39 -29.08 32.17
N THR C 109 -17.15 -29.07 33.26
CA THR C 109 -16.75 -28.44 34.52
C THR C 109 -17.15 -29.33 35.69
N PRO C 110 -16.53 -29.12 36.84
CA PRO C 110 -17.00 -29.82 38.04
C PRO C 110 -18.51 -29.71 38.28
N GLU C 111 -19.06 -28.52 38.14
CA GLU C 111 -20.49 -28.29 38.37
C GLU C 111 -21.32 -29.17 37.46
N ILE C 112 -21.00 -29.14 36.17
CA ILE C 112 -21.76 -29.93 35.22
C ILE C 112 -21.65 -31.43 35.52
N TYR C 113 -20.45 -31.89 35.86
CA TYR C 113 -20.24 -33.30 36.19
C TYR C 113 -21.14 -33.72 37.35
N SER C 114 -21.24 -32.84 38.34
CA SER C 114 -22.01 -33.13 39.53
C SER C 114 -23.51 -33.37 39.21
N THR C 115 -24.03 -32.72 38.17
CA THR C 115 -25.41 -32.89 37.76
C THR C 115 -25.65 -34.11 36.85
N MET C 116 -24.59 -34.74 36.36
CA MET C 116 -24.77 -35.88 35.45
C MET C 116 -25.24 -37.13 36.22
N SER C 117 -26.04 -37.96 35.58
CA SER C 117 -26.40 -39.24 36.15
C SER C 117 -25.16 -40.11 36.26
N GLU C 118 -25.24 -41.11 37.11
CA GLU C 118 -24.16 -42.07 37.25
C GLU C 118 -23.78 -42.67 35.90
N GLU C 119 -24.80 -43.06 35.13
CA GLU C 119 -24.59 -43.65 33.80
C GLU C 119 -23.88 -42.67 32.88
N GLU C 120 -24.32 -41.42 32.90
CA GLU C 120 -23.67 -40.38 32.09
C GLU C 120 -22.21 -40.19 32.49
N GLN C 121 -21.90 -40.22 33.78
CA GLN C 121 -20.52 -40.08 34.21
C GLN C 121 -19.66 -41.25 33.76
N ASN C 122 -20.17 -42.46 33.95
CA ASN C 122 -19.44 -43.67 33.55
C ASN C 122 -19.06 -43.62 32.08
N LEU C 123 -20.02 -43.20 31.24
CA LEU C 123 -19.82 -43.19 29.81
C LEU C 123 -18.80 -42.15 29.42
N LEU C 124 -18.89 -41.00 30.07
CA LEU C 124 -17.89 -39.99 29.87
C LEU C 124 -16.48 -40.52 30.14
N LYS C 125 -16.35 -41.27 31.23
CA LYS C 125 -15.05 -41.80 31.62
C LYS C 125 -14.58 -42.85 30.63
N ARG C 126 -15.49 -43.71 30.20
CA ARG C 126 -15.20 -44.72 29.16
C ARG C 126 -14.73 -44.02 27.88
N ASP C 127 -15.43 -42.96 27.49
CA ASP C 127 -15.12 -42.23 26.26
C ASP C 127 -13.72 -41.60 26.37
N ILE C 128 -13.42 -41.03 27.52
CA ILE C 128 -12.12 -40.43 27.69
C ILE C 128 -11.03 -41.50 27.60
N ALA C 129 -11.19 -42.59 28.34
CA ALA C 129 -10.19 -43.65 28.31
C ALA C 129 -10.00 -44.21 26.91
N SER C 130 -11.10 -44.36 26.21
CA SER C 130 -11.05 -44.95 24.90
C SER C 130 -10.33 -44.01 23.95
N PHE C 131 -10.66 -42.72 24.01
CA PHE C 131 -9.94 -41.75 23.17
C PHE C 131 -8.41 -41.76 23.44
N LEU C 132 -8.05 -41.65 24.69
CA LEU C 132 -6.65 -41.67 25.07
C LEU C 132 -5.99 -42.96 24.61
N ARG C 133 -6.67 -44.09 24.77
CA ARG C 133 -6.11 -45.38 24.37
C ARG C 133 -5.83 -45.36 22.87
N GLN C 134 -6.79 -44.86 22.08
CA GLN C 134 -6.56 -44.81 20.64
C GLN C 134 -5.41 -43.87 20.28
N MET C 135 -5.37 -42.68 20.90
CA MET C 135 -4.33 -41.71 20.56
C MET C 135 -2.97 -42.22 20.98
N HIS C 136 -2.87 -42.70 22.21
CA HIS C 136 -1.59 -43.22 22.72
C HIS C 136 -1.12 -44.47 21.95
N GLY C 137 -2.05 -45.20 21.33
CA GLY C 137 -1.69 -46.35 20.51
C GLY C 137 -1.19 -46.04 19.12
N LEU C 138 -1.35 -44.81 18.63
CA LEU C 138 -0.94 -44.52 17.24
C LEU C 138 0.53 -44.70 17.03
N ASP C 139 0.84 -45.26 15.87
CA ASP C 139 2.18 -45.28 15.33
C ASP C 139 2.50 -43.84 14.96
N TYR C 140 3.47 -43.27 15.66
CA TYR C 140 3.75 -41.83 15.55
C TYR C 140 4.95 -41.54 14.67
N THR C 141 5.36 -42.52 13.86
CA THR C 141 6.50 -42.40 12.96
C THR C 141 6.46 -41.15 12.09
N ASP C 142 5.30 -40.86 11.52
CA ASP C 142 5.17 -39.68 10.66
C ASP C 142 5.30 -38.32 11.38
N ILE C 143 5.27 -38.29 12.70
CA ILE C 143 5.51 -37.07 13.46
C ILE C 143 6.64 -37.27 14.46
N SER C 144 7.59 -38.14 14.12
CA SER C 144 8.61 -38.57 15.07
C SER C 144 9.53 -37.43 15.58
N GLU C 145 9.46 -36.28 14.91
CA GLU C 145 10.21 -35.11 15.31
C GLU C 145 9.51 -34.31 16.43
N CYS C 146 8.20 -34.49 16.64
CA CYS C 146 7.46 -33.76 17.68
C CYS C 146 7.63 -34.42 19.07
N THR C 147 8.87 -34.67 19.46
CA THR C 147 9.18 -35.28 20.75
C THR C 147 9.37 -34.18 21.78
N ILE C 148 9.03 -34.52 23.02
CA ILE C 148 9.19 -33.61 24.13
C ILE C 148 9.85 -34.39 25.27
N ASP C 149 11.00 -33.90 25.75
CA ASP C 149 11.69 -34.51 26.86
C ASP C 149 11.55 -33.61 28.08
N ASN C 150 10.60 -33.91 28.94
CA ASN C 150 10.30 -33.02 30.05
C ASN C 150 11.46 -32.95 31.03
N LYS C 151 12.12 -34.08 31.28
CA LYS C 151 13.23 -34.08 32.25
C LYS C 151 14.38 -33.20 31.78
N GLN C 152 14.82 -33.43 30.55
CA GLN C 152 15.87 -32.62 29.95
C GLN C 152 15.54 -31.11 29.92
N ASN C 153 14.31 -30.77 29.54
CA ASN C 153 13.90 -29.39 29.51
C ASN C 153 14.08 -28.79 30.91
N VAL C 154 13.62 -29.51 31.95
CA VAL C 154 13.74 -29.01 33.31
C VAL C 154 15.20 -28.85 33.73
N LEU C 155 16.05 -29.82 33.39
CA LEU C 155 17.50 -29.69 33.67
C LEU C 155 18.06 -28.42 33.03
N GLU C 156 17.68 -28.15 31.78
CA GLU C 156 18.21 -26.95 31.10
C GLU C 156 17.67 -25.67 31.75
N GLU C 157 16.40 -25.71 32.16
CA GLU C 157 15.80 -24.60 32.84
C GLU C 157 16.51 -24.33 34.15
N TYR C 158 16.97 -25.38 34.82
CA TYR C 158 17.65 -25.22 36.10
C TYR C 158 19.00 -24.56 35.92
N ILE C 159 19.67 -24.93 34.85
CA ILE C 159 20.92 -24.27 34.52
C ILE C 159 20.69 -22.79 34.24
N LEU C 160 19.62 -22.47 33.51
CA LEU C 160 19.30 -21.09 33.21
C LEU C 160 19.13 -20.34 34.51
N LEU C 161 18.38 -20.92 35.45
CA LEU C 161 18.21 -20.27 36.75
C LEU C 161 19.52 -19.99 37.42
N ARG C 162 20.41 -20.98 37.42
CA ARG C 162 21.68 -20.86 38.08
C ARG C 162 22.51 -19.80 37.41
N GLU C 163 22.36 -19.67 36.09
CA GLU C 163 23.08 -18.62 35.35
C GLU C 163 22.49 -17.22 35.50
N THR C 164 21.29 -17.09 36.06
CA THR C 164 20.57 -15.81 36.07
C THR C 164 20.26 -15.36 37.47
N ILE C 165 19.10 -15.68 37.99
CA ILE C 165 18.71 -15.10 39.26
C ILE C 165 18.91 -15.96 40.51
N TYR C 166 19.33 -17.22 40.36
CA TYR C 166 19.37 -18.12 41.50
C TYR C 166 20.09 -17.50 42.69
N ASN C 167 21.20 -16.83 42.47
CA ASN C 167 21.96 -16.27 43.61
C ASN C 167 21.25 -15.14 44.36
N ASP C 168 20.25 -14.53 43.74
CA ASP C 168 19.45 -13.51 44.42
C ASP C 168 18.25 -14.06 45.20
N LEU C 169 17.97 -15.36 45.08
CA LEU C 169 16.84 -15.94 45.72
C LEU C 169 17.09 -16.11 47.21
N THR C 170 16.01 -16.30 47.97
CA THR C 170 16.12 -16.54 49.38
C THR C 170 16.53 -17.96 49.62
N ASP C 171 16.93 -18.24 50.84
CA ASP C 171 17.25 -19.59 51.20
C ASP C 171 16.03 -20.47 51.02
N ILE C 172 14.88 -20.01 51.44
CA ILE C 172 13.68 -20.83 51.32
C ILE C 172 13.39 -21.19 49.86
N GLU C 173 13.59 -20.23 48.98
CA GLU C 173 13.36 -20.44 47.54
C GLU C 173 14.37 -21.43 46.98
N LYS C 174 15.63 -21.22 47.32
CA LYS C 174 16.68 -22.11 46.90
C LYS C 174 16.41 -23.53 47.37
N ASP C 175 16.06 -23.71 48.62
CA ASP C 175 15.77 -25.03 49.14
CA ASP C 175 15.79 -25.04 49.12
C ASP C 175 14.63 -25.67 48.34
N TYR C 176 13.58 -24.89 48.02
CA TYR C 176 12.48 -25.46 47.30
C TYR C 176 12.97 -26.02 45.96
N ILE C 177 13.83 -25.25 45.29
CA ILE C 177 14.31 -25.63 43.97
C ILE C 177 15.27 -26.82 44.01
N GLU C 178 16.19 -26.79 44.96
CA GLU C 178 17.17 -27.91 45.09
C GLU C 178 16.46 -29.18 45.47
N SER C 179 15.42 -29.02 46.26
CA SER C 179 14.73 -30.17 46.75
C SER C 179 13.97 -30.81 45.58
N PHE C 180 13.40 -29.98 44.74
CA PHE C 180 12.72 -30.47 43.55
C PHE C 180 13.71 -31.13 42.63
N MET C 181 14.87 -30.52 42.42
CA MET C 181 15.83 -31.11 41.52
C MET C 181 16.36 -32.48 41.97
N GLU C 182 16.45 -32.66 43.27
CA GLU C 182 16.84 -33.95 43.78
C GLU C 182 15.77 -34.97 43.42
N ARG C 183 14.53 -34.58 43.64
CA ARG C 183 13.43 -35.48 43.34
C ARG C 183 13.37 -35.83 41.85
N LEU C 184 13.58 -34.83 41.01
CA LEU C 184 13.61 -35.04 39.58
C LEU C 184 14.71 -35.99 39.14
N ASN C 185 15.87 -35.88 39.79
CA ASN C 185 17.00 -36.69 39.42
C ASN C 185 16.83 -38.16 39.88
N ALA C 186 16.08 -38.36 41.00
CA ALA C 186 15.88 -39.72 41.55
C ALA C 186 14.70 -40.49 40.90
N THR C 187 13.69 -39.80 40.38
CA THR C 187 12.44 -40.45 40.03
C THR C 187 12.62 -41.41 38.84
N THR C 188 11.76 -42.41 38.78
CA THR C 188 11.75 -43.32 37.68
C THR C 188 10.57 -43.09 36.74
N VAL C 189 9.77 -42.04 36.98
CA VAL C 189 8.53 -41.86 36.20
C VAL C 189 8.73 -41.43 34.76
N PHE C 190 9.96 -41.12 34.34
CA PHE C 190 10.21 -40.87 32.91
C PHE C 190 10.61 -42.11 32.14
N GLU C 191 10.64 -43.26 32.80
CA GLU C 191 11.20 -44.46 32.17
C GLU C 191 10.12 -45.38 31.64
N GLY C 192 8.90 -44.84 31.46
CA GLY C 192 7.78 -45.65 30.97
C GLY C 192 7.57 -45.48 29.49
N LYS C 193 6.41 -45.94 29.05
CA LYS C 193 6.05 -45.84 27.65
C LYS C 193 5.98 -44.39 27.20
N LYS C 194 6.49 -44.13 26.01
CA LYS C 194 6.39 -42.84 25.34
C LYS C 194 5.37 -42.95 24.25
N CYS C 195 4.55 -41.92 24.08
CA CYS C 195 3.56 -41.91 23.01
C CYS C 195 3.03 -40.53 22.72
N LEU C 196 2.26 -40.40 21.65
CA LEU C 196 1.65 -39.12 21.35
C LEU C 196 0.57 -38.81 22.40
N CYS C 197 0.76 -37.70 23.11
CA CYS C 197 -0.19 -37.21 24.10
C CYS C 197 -0.67 -35.84 23.75
N HIS C 198 -1.90 -35.57 24.17
CA HIS C 198 -2.50 -34.25 24.05
C HIS C 198 -1.64 -33.25 24.81
N ASN C 199 -1.32 -33.63 26.03
CA ASN C 199 -0.39 -32.93 26.91
C ASN C 199 -0.87 -31.62 27.57
N ASP C 200 -2.17 -31.37 27.51
CA ASP C 200 -2.81 -30.30 28.24
C ASP C 200 -4.28 -30.66 28.47
N PHE C 201 -4.43 -31.88 28.97
CA PHE C 201 -5.68 -32.61 28.87
C PHE C 201 -6.47 -32.38 30.12
N SER C 202 -7.02 -31.18 30.19
CA SER C 202 -7.78 -30.75 31.34
C SER C 202 -9.23 -30.50 30.91
N CYS C 203 -10.16 -30.33 31.84
CA CYS C 203 -11.55 -30.41 31.42
C CYS C 203 -12.01 -29.19 30.67
N ASN C 204 -11.27 -28.11 30.77
CA ASN C 204 -11.53 -26.93 29.96
C ASN C 204 -11.20 -27.12 28.47
N HIS C 205 -10.69 -28.29 28.12
CA HIS C 205 -10.50 -28.64 26.71
C HIS C 205 -11.44 -29.77 26.25
N LEU C 206 -12.38 -30.18 27.10
CA LEU C 206 -13.25 -31.27 26.76
C LEU C 206 -14.68 -30.76 26.54
N LEU C 207 -15.24 -31.09 25.38
CA LEU C 207 -16.60 -30.65 25.04
C LEU C 207 -17.63 -31.75 25.16
N LEU C 208 -18.76 -31.39 25.76
CA LEU C 208 -19.96 -32.23 25.85
C LEU C 208 -21.10 -31.80 24.92
N ASP C 209 -21.80 -32.79 24.37
CA ASP C 209 -23.01 -32.49 23.60
C ASP C 209 -24.20 -32.31 24.52
N GLY C 210 -25.36 -32.03 23.91
CA GLY C 210 -26.61 -31.90 24.65
C GLY C 210 -27.05 -33.13 25.45
N ASN C 211 -26.46 -34.29 25.17
CA ASN C 211 -26.66 -35.49 26.00
C ASN C 211 -25.51 -35.79 27.01
N ASN C 212 -24.66 -34.79 27.29
CA ASN C 212 -23.49 -34.96 28.19
C ASN C 212 -22.53 -36.07 27.76
N ARG C 213 -22.46 -36.31 26.47
CA ARG C 213 -21.50 -37.22 25.89
C ARG C 213 -20.27 -36.41 25.46
N LEU C 214 -19.08 -37.01 25.55
CA LEU C 214 -17.88 -36.41 25.02
C LEU C 214 -18.04 -36.26 23.51
N THR C 215 -18.04 -35.03 23.04
CA THR C 215 -18.23 -34.75 21.63
C THR C 215 -17.02 -34.15 20.95
N GLY C 216 -16.16 -33.50 21.71
CA GLY C 216 -14.95 -32.97 21.13
C GLY C 216 -13.83 -32.68 22.08
N ILE C 217 -12.64 -32.57 21.51
CA ILE C 217 -11.45 -32.21 22.28
C ILE C 217 -10.71 -31.13 21.53
N ILE C 218 -10.33 -30.06 22.24
CA ILE C 218 -9.60 -28.95 21.64
C ILE C 218 -8.21 -28.78 22.21
N ASP C 219 -7.45 -27.88 21.54
CA ASP C 219 -6.19 -27.36 22.07
C ASP C 219 -5.17 -28.47 22.25
N PHE C 220 -4.72 -28.95 21.11
CA PHE C 220 -3.57 -29.84 21.04
C PHE C 220 -2.31 -28.99 20.85
N GLY C 221 -2.34 -27.77 21.34
CA GLY C 221 -1.18 -26.89 21.18
C GLY C 221 0.12 -27.33 21.90
N ASP C 222 0.02 -28.23 22.87
CA ASP C 222 1.22 -28.68 23.61
C ASP C 222 1.53 -30.13 23.34
N SER C 223 0.81 -30.71 22.39
CA SER C 223 0.89 -32.11 22.08
C SER C 223 2.21 -32.54 21.45
N GLY C 224 2.58 -33.77 21.75
CA GLY C 224 3.86 -34.34 21.28
C GLY C 224 4.09 -35.73 21.84
N ILE C 225 5.22 -36.32 21.47
CA ILE C 225 5.57 -37.64 21.89
C ILE C 225 6.29 -37.51 23.22
N ILE C 226 5.68 -38.06 24.26
CA ILE C 226 6.04 -37.78 25.63
C ILE C 226 5.58 -38.94 26.50
N ASP C 227 5.84 -38.87 27.79
CA ASP C 227 5.40 -39.98 28.67
C ASP C 227 3.92 -40.15 28.66
N GLU C 228 3.52 -41.42 28.60
CA GLU C 228 2.11 -41.79 28.57
C GLU C 228 1.37 -41.22 29.80
N TYR C 229 2.06 -41.13 30.93
CA TYR C 229 1.49 -40.51 32.16
C TYR C 229 0.99 -39.09 31.99
N CYS C 230 1.54 -38.35 31.03
CA CYS C 230 1.23 -36.90 30.87
C CYS C 230 -0.24 -36.60 30.69
N ASP C 231 -0.94 -37.46 30.02
CA ASP C 231 -2.33 -37.17 29.74
C ASP C 231 -3.28 -37.43 30.88
N PHE C 232 -2.75 -37.85 32.03
CA PHE C 232 -3.57 -38.07 33.21
C PHE C 232 -3.33 -37.07 34.29
N ILE C 233 -2.45 -36.09 34.03
CA ILE C 233 -2.03 -35.18 35.10
C ILE C 233 -3.14 -34.29 35.61
N TYR C 234 -3.97 -33.79 34.72
CA TYR C 234 -5.11 -32.95 35.14
C TYR C 234 -6.36 -33.80 35.47
N LEU C 235 -6.50 -34.96 34.83
CA LEU C 235 -7.58 -35.87 35.19
C LEU C 235 -7.43 -36.32 36.64
N LEU C 236 -6.19 -36.42 37.10
CA LEU C 236 -5.92 -36.75 38.49
C LEU C 236 -5.98 -35.57 39.47
N GLU C 237 -6.09 -34.36 38.95
CA GLU C 237 -5.92 -33.17 39.79
C GLU C 237 -7.11 -32.94 40.72
N ASP C 238 -6.80 -32.64 41.97
CA ASP C 238 -7.81 -32.18 42.94
C ASP C 238 -7.69 -30.65 43.02
N SER C 239 -8.65 -29.97 42.41
CA SER C 239 -8.68 -28.50 42.42
C SER C 239 -10.08 -28.05 42.04
N GLU C 240 -10.32 -26.75 42.18
CA GLU C 240 -11.59 -26.15 41.81
C GLU C 240 -11.87 -26.28 40.32
N GLU C 241 -10.83 -26.26 39.48
CA GLU C 241 -10.97 -26.37 38.02
C GLU C 241 -11.17 -27.79 37.49
N GLU C 242 -10.77 -28.81 38.25
CA GLU C 242 -10.86 -30.17 37.73
C GLU C 242 -11.83 -30.96 38.58
N ILE C 243 -12.21 -32.11 38.05
CA ILE C 243 -13.28 -32.91 38.63
C ILE C 243 -12.90 -33.57 39.93
N GLY C 244 -11.76 -34.23 39.94
CA GLY C 244 -11.25 -34.82 41.16
C GLY C 244 -10.38 -36.04 40.92
N THR C 245 -9.62 -36.39 41.95
CA THR C 245 -8.74 -37.52 41.88
C THR C 245 -9.46 -38.83 41.50
N ASN C 246 -10.71 -39.05 41.93
CA ASN C 246 -11.38 -40.34 41.66
C ASN C 246 -11.75 -40.51 40.21
N PHE C 247 -12.01 -39.38 39.58
CA PHE C 247 -12.26 -39.30 38.17
C PHE C 247 -11.06 -39.84 37.42
N GLY C 248 -9.88 -39.30 37.71
CA GLY C 248 -8.65 -39.75 37.07
C GLY C 248 -8.35 -41.20 37.36
N GLU C 249 -8.53 -41.61 38.61
CA GLU C 249 -8.34 -43.00 38.97
C GLU C 249 -9.26 -43.97 38.22
N ASP C 250 -10.55 -43.67 38.16
CA ASP C 250 -11.46 -44.50 37.41
C ASP C 250 -11.05 -44.59 35.94
N ILE C 251 -10.64 -43.45 35.38
CA ILE C 251 -10.27 -43.41 33.98
C ILE C 251 -9.03 -44.27 33.75
N LEU C 252 -8.11 -44.20 34.70
CA LEU C 252 -6.90 -44.99 34.59
C LEU C 252 -7.22 -46.49 34.66
N ARG C 253 -8.13 -46.89 35.52
CA ARG C 253 -8.52 -48.31 35.58
C ARG C 253 -9.20 -48.76 34.29
N MET C 254 -10.00 -47.91 33.68
CA MET C 254 -10.64 -48.25 32.43
C MET C 254 -9.61 -48.36 31.34
N TYR C 255 -8.67 -47.45 31.37
CA TYR C 255 -7.65 -47.35 30.34
C TYR C 255 -6.77 -48.60 30.41
N GLY C 256 -6.39 -48.96 31.64
CA GLY C 256 -5.63 -50.16 31.92
C GLY C 256 -4.13 -50.13 31.59
N ASN C 257 -3.42 -51.11 32.16
CA ASN C 257 -2.00 -51.34 31.86
C ASN C 257 -1.16 -50.16 32.14
N ILE C 258 -1.42 -49.54 33.27
CA ILE C 258 -0.69 -48.35 33.65
C ILE C 258 -0.64 -48.23 35.18
N ASP C 259 0.56 -48.07 35.68
CA ASP C 259 0.80 -47.99 37.11
C ASP C 259 0.23 -46.67 37.68
N ILE C 260 -0.86 -46.78 38.40
CA ILE C 260 -1.61 -45.61 38.82
C ILE C 260 -0.83 -44.77 39.83
N GLU C 261 -0.04 -45.42 40.68
CA GLU C 261 0.71 -44.71 41.68
C GLU C 261 1.78 -43.90 41.00
N LYS C 262 2.34 -44.44 39.94
CA LYS C 262 3.32 -43.69 39.16
C LYS C 262 2.70 -42.55 38.41
N ALA C 263 1.49 -42.75 37.90
CA ALA C 263 0.79 -41.63 37.25
C ALA C 263 0.59 -40.49 38.27
N LYS C 264 0.29 -40.83 39.51
CA LYS C 264 0.13 -39.84 40.55
C LYS C 264 1.44 -39.18 40.98
N GLU C 265 2.50 -39.97 41.03
CA GLU C 265 3.82 -39.45 41.33
C GLU C 265 4.15 -38.46 40.21
N TYR C 266 3.86 -38.80 38.96
CA TYR C 266 4.15 -37.87 37.83
C TYR C 266 3.40 -36.58 38.03
N GLN C 267 2.10 -36.71 38.31
CA GLN C 267 1.30 -35.52 38.49
C GLN C 267 1.90 -34.65 39.59
N ASP C 268 2.35 -35.29 40.66
CA ASP C 268 2.82 -34.55 41.82
C ASP C 268 4.15 -33.82 41.55
N ILE C 269 5.02 -34.47 40.81
CA ILE C 269 6.26 -33.85 40.40
C ILE C 269 6.00 -32.61 39.52
N VAL C 270 5.04 -32.70 38.60
CA VAL C 270 4.69 -31.56 37.76
C VAL C 270 4.05 -30.41 38.55
N GLU C 271 3.23 -30.74 39.54
CA GLU C 271 2.70 -29.73 40.42
C GLU C 271 3.82 -29.05 41.17
N GLU C 272 4.76 -29.84 41.69
CA GLU C 272 5.82 -29.27 42.49
C GLU C 272 6.60 -28.27 41.64
N TYR C 273 6.77 -28.58 40.36
CA TYR C 273 7.53 -27.75 39.42
C TYR C 273 6.89 -26.44 39.00
N TYR C 274 5.57 -26.34 39.11
CA TYR C 274 4.82 -25.20 38.56
C TYR C 274 5.32 -23.82 38.93
N PRO C 275 5.58 -23.59 40.22
CA PRO C 275 6.12 -22.28 40.52
C PRO C 275 7.47 -22.00 39.90
N ILE C 276 8.29 -23.02 39.75
CA ILE C 276 9.58 -22.86 39.10
C ILE C 276 9.36 -22.58 37.60
N GLU C 277 8.47 -23.34 36.99
CA GLU C 277 8.11 -23.10 35.59
C GLU C 277 7.68 -21.63 35.36
N THR C 278 6.94 -21.11 36.33
CA THR C 278 6.46 -19.79 36.26
C THR C 278 7.62 -18.80 36.33
N ILE C 279 8.53 -19.04 37.25
CA ILE C 279 9.73 -18.19 37.32
C ILE C 279 10.48 -18.21 35.99
N VAL C 280 10.69 -19.41 35.46
CA VAL C 280 11.46 -19.56 34.25
C VAL C 280 10.84 -18.77 33.10
N TYR C 281 9.53 -18.89 32.96
CA TYR C 281 8.78 -18.11 31.96
C TYR C 281 9.11 -16.64 32.09
N GLY C 282 9.13 -16.14 33.30
CA GLY C 282 9.40 -14.73 33.57
C GLY C 282 10.80 -14.35 33.18
N ILE C 283 11.76 -15.22 33.43
CA ILE C 283 13.12 -14.97 33.03
C ILE C 283 13.21 -14.92 31.50
N LYS C 284 12.68 -15.93 30.84
CA LYS C 284 12.83 -16.06 29.41
C LYS C 284 12.15 -14.95 28.65
N ASN C 285 11.02 -14.48 29.16
CA ASN C 285 10.22 -13.47 28.48
C ASN C 285 10.39 -12.08 29.09
N ILE C 286 11.32 -11.95 30.02
CA ILE C 286 11.62 -10.68 30.71
C ILE C 286 10.33 -10.07 31.27
N LYS C 287 9.56 -10.86 32.00
CA LYS C 287 8.36 -10.36 32.65
C LYS C 287 8.44 -10.60 34.15
N GLN C 288 8.90 -9.58 34.86
CA GLN C 288 9.14 -9.65 36.29
C GLN C 288 7.97 -10.19 37.10
N GLU C 289 6.76 -9.85 36.71
CA GLU C 289 5.57 -10.24 37.41
C GLU C 289 5.50 -11.78 37.55
N PHE C 290 5.94 -12.51 36.54
CA PHE C 290 5.90 -13.98 36.58
C PHE C 290 6.94 -14.50 37.55
N ILE C 291 8.11 -13.87 37.57
CA ILE C 291 9.16 -14.24 38.48
C ILE C 291 8.62 -14.05 39.91
N GLU C 292 7.98 -12.92 40.14
CA GLU C 292 7.45 -12.64 41.46
C GLU C 292 6.34 -13.62 41.83
N ASN C 293 5.44 -13.92 40.90
CA ASN C 293 4.33 -14.83 41.20
C ASN C 293 4.82 -16.20 41.58
N GLY C 294 5.81 -16.68 40.88
CA GLY C 294 6.38 -17.99 41.17
C GLY C 294 7.06 -18.09 42.52
N ARG C 295 7.82 -17.05 42.85
CA ARG C 295 8.48 -16.96 44.12
C ARG C 295 7.48 -16.94 45.28
N LYS C 296 6.40 -16.19 45.08
CA LYS C 296 5.42 -16.07 46.14
C LYS C 296 4.76 -17.41 46.33
N GLU C 297 4.51 -18.10 45.22
CA GLU C 297 3.81 -19.43 45.29
C GLU C 297 4.66 -20.46 46.00
N ILE C 298 5.99 -20.37 45.86
CA ILE C 298 6.88 -21.21 46.66
C ILE C 298 6.67 -21.05 48.15
N TYR C 299 6.51 -19.81 48.60
CA TYR C 299 6.19 -19.55 50.04
C TYR C 299 4.82 -20.12 50.41
N LYS C 300 3.84 -19.95 49.57
CA LYS C 300 2.51 -20.44 49.91
C LYS C 300 2.54 -21.95 50.02
N ARG C 301 3.24 -22.60 49.13
CA ARG C 301 3.37 -24.06 49.21
C ARG C 301 4.21 -24.51 50.43
N THR C 302 5.28 -23.80 50.74
CA THR C 302 6.12 -24.16 51.87
C THR C 302 5.33 -24.13 53.20
N TYR C 303 4.40 -23.17 53.35
CA TYR C 303 3.69 -22.94 54.60
C TYR C 303 2.33 -23.58 54.59
N LYS C 304 2.11 -24.55 53.72
CA LYS C 304 0.82 -25.19 53.62
C LYS C 304 0.76 -26.06 54.86
N ASP C 305 -0.22 -25.78 55.72
CA ASP C 305 -0.45 -26.51 56.99
C ASP C 305 0.61 -26.29 58.08
N TYR D 5 -6.61 -11.04 30.88
CA TYR D 5 -6.58 -10.47 29.52
C TYR D 5 -6.39 -8.95 29.58
N ASP D 6 -5.40 -8.41 28.85
CA ASP D 6 -5.19 -6.96 28.73
C ASP D 6 -5.56 -6.59 27.30
N ASP D 7 -6.72 -5.94 27.15
CA ASP D 7 -7.18 -5.41 25.86
C ASP D 7 -6.19 -4.39 25.29
N ASN D 8 -5.63 -3.55 26.16
CA ASN D 8 -4.58 -2.63 25.73
C ASN D 8 -3.35 -3.35 25.15
N ALA D 9 -2.91 -4.43 25.79
CA ALA D 9 -1.72 -5.16 25.33
C ALA D 9 -1.94 -5.72 23.89
N THR D 10 -3.05 -6.40 23.66
CA THR D 10 -3.29 -7.10 22.38
C THR D 10 -3.46 -6.07 21.22
N ASN D 11 -4.12 -4.98 21.58
CA ASN D 11 -4.41 -3.91 20.63
C ASN D 11 -3.15 -3.25 20.10
N VAL D 12 -2.31 -2.93 21.05
CA VAL D 12 -1.04 -2.35 20.74
C VAL D 12 -0.18 -3.28 19.87
N LYS D 13 -0.22 -4.59 20.14
CA LYS D 13 0.54 -5.56 19.36
C LYS D 13 0.10 -5.62 17.90
N ALA D 14 -1.20 -5.65 17.68
CA ALA D 14 -1.73 -5.67 16.31
C ALA D 14 -1.30 -4.42 15.57
N MET D 15 -1.39 -3.27 16.24
CA MET D 15 -1.07 -2.03 15.57
C MET D 15 0.43 -1.90 15.34
N LYS D 16 1.22 -2.42 16.26
CA LYS D 16 2.67 -2.47 16.08
C LYS D 16 2.94 -3.27 14.83
N TYR D 17 2.28 -4.41 14.72
CA TYR D 17 2.48 -5.27 13.59
C TYR D 17 2.13 -4.53 12.31
N LEU D 18 1.00 -3.84 12.30
CA LEU D 18 0.57 -3.18 11.07
C LEU D 18 1.50 -2.06 10.65
N ILE D 19 1.93 -1.26 11.62
CA ILE D 19 2.83 -0.16 11.35
C ILE D 19 4.11 -0.67 10.71
N GLU D 20 4.70 -1.70 11.32
CA GLU D 20 5.99 -2.21 10.86
C GLU D 20 5.83 -2.92 9.55
N HIS D 21 4.64 -3.42 9.30
CA HIS D 21 4.34 -4.14 8.06
C HIS D 21 4.19 -3.17 6.91
N TYR D 22 3.46 -2.09 7.14
CA TYR D 22 3.19 -1.12 6.07
C TYR D 22 4.26 -0.01 5.89
N PHE D 23 5.06 0.26 6.92
CA PHE D 23 6.11 1.27 6.81
C PHE D 23 7.47 0.65 6.93
N ASP D 24 8.04 0.40 5.75
CA ASP D 24 9.35 -0.21 5.53
C ASP D 24 10.38 0.38 6.43
N ASN D 25 10.88 -0.47 7.31
CA ASN D 25 11.99 -0.09 8.17
C ASN D 25 11.59 0.96 9.21
N PHE D 26 10.29 1.05 9.53
CA PHE D 26 9.89 1.76 10.73
C PHE D 26 9.92 0.75 11.85
N LYS D 27 10.63 1.08 12.92
CA LYS D 27 10.80 0.19 14.05
C LYS D 27 10.12 0.75 15.30
N VAL D 28 9.15 0.00 15.79
CA VAL D 28 8.41 0.40 16.97
C VAL D 28 9.14 -0.05 18.22
N ASP D 29 9.70 0.89 18.96
CA ASP D 29 10.35 0.56 20.23
C ASP D 29 9.37 0.65 21.37
N SER D 30 8.49 1.66 21.32
CA SER D 30 7.40 1.75 22.30
C SER D 30 6.12 2.15 21.59
N ILE D 31 5.01 1.86 22.24
CA ILE D 31 3.72 2.17 21.66
C ILE D 31 2.65 2.11 22.74
N GLU D 32 1.90 3.20 22.89
CA GLU D 32 0.77 3.18 23.81
C GLU D 32 -0.43 3.90 23.20
N ILE D 33 -1.61 3.49 23.66
CA ILE D 33 -2.85 4.10 23.24
C ILE D 33 -2.97 5.46 23.92
N ILE D 34 -3.16 6.50 23.13
CA ILE D 34 -3.26 7.84 23.64
C ILE D 34 -4.68 8.42 23.44
N GLY D 35 -5.57 7.76 22.69
CA GLY D 35 -7.00 8.21 22.65
C GLY D 35 -8.02 7.61 21.66
N ASP D 39 -14.51 4.97 16.80
CA ASP D 39 -14.24 4.24 15.56
C ASP D 39 -12.86 4.60 14.99
N SER D 40 -12.02 5.04 15.89
CA SER D 40 -10.62 5.24 15.58
C SER D 40 -9.81 5.04 16.84
N VAL D 41 -8.54 4.72 16.66
CA VAL D 41 -7.64 4.66 17.79
C VAL D 41 -6.38 5.41 17.44
N ALA D 42 -5.90 6.20 18.41
CA ALA D 42 -4.67 6.94 18.24
C ALA D 42 -3.58 6.42 19.20
N TYR D 43 -2.36 6.35 18.68
CA TYR D 43 -1.25 5.75 19.39
C TYR D 43 -0.08 6.69 19.45
N LEU D 44 0.61 6.70 20.59
CA LEU D 44 1.88 7.39 20.70
C LEU D 44 3.00 6.35 20.57
N VAL D 45 3.85 6.54 19.58
CA VAL D 45 4.85 5.56 19.21
C VAL D 45 6.24 6.14 19.36
N ASN D 46 7.14 5.35 19.96
CA ASN D 46 8.51 5.79 20.27
C ASN D 46 8.57 7.11 21.04
N ASN D 47 7.53 7.39 21.83
CA ASN D 47 7.40 8.66 22.54
C ASN D 47 7.55 9.95 21.67
N GLU D 48 7.22 9.84 20.39
CA GLU D 48 7.59 10.85 19.43
C GLU D 48 6.55 11.03 18.32
N TYR D 49 5.91 9.93 17.91
CA TYR D 49 4.97 9.94 16.80
C TYR D 49 3.55 9.66 17.22
N ILE D 50 2.61 10.38 16.63
CA ILE D 50 1.22 10.05 16.74
C ILE D 50 0.86 9.25 15.51
N PHE D 51 0.23 8.10 15.74
CA PHE D 51 -0.38 7.33 14.65
C PHE D 51 -1.87 7.24 14.87
N LYS D 52 -2.65 7.87 13.99
CA LYS D 52 -4.13 7.77 14.01
C LYS D 52 -4.48 6.61 13.14
N THR D 53 -5.43 5.80 13.57
CA THR D 53 -5.76 4.61 12.80
C THR D 53 -7.25 4.34 12.81
N LYS D 54 -7.72 3.78 11.71
CA LYS D 54 -9.14 3.59 11.48
C LYS D 54 -9.33 2.41 10.58
N PHE D 55 -10.32 1.58 10.90
CA PHE D 55 -10.75 0.47 10.02
C PHE D 55 -12.12 0.83 9.35
N SER D 56 -12.20 1.23 8.07
CA SER D 56 -13.53 1.60 7.47
C SER D 56 -14.54 0.49 7.53
N TYR D 63 -9.57 8.98 5.67
CA TYR D 63 -8.27 9.70 5.95
C TYR D 63 -7.56 10.35 4.76
N ALA D 64 -8.02 10.07 3.56
CA ALA D 64 -7.42 10.68 2.37
C ALA D 64 -7.70 12.18 2.36
N LYS D 65 -8.93 12.57 2.67
CA LYS D 65 -9.28 13.97 2.77
C LYS D 65 -8.48 14.69 3.87
N GLU D 66 -8.42 14.07 5.04
CA GLU D 66 -7.72 14.63 6.15
C GLU D 66 -6.26 14.86 5.76
N LYS D 67 -5.62 13.86 5.16
CA LYS D 67 -4.26 14.02 4.68
C LYS D 67 -4.13 15.19 3.71
N ALA D 68 -5.03 15.26 2.75
CA ALA D 68 -5.02 16.30 1.73
C ALA D 68 -5.18 17.65 2.39
N ILE D 69 -6.00 17.71 3.43
CA ILE D 69 -6.12 18.94 4.17
C ILE D 69 -4.83 19.32 4.92
N TYR D 70 -4.19 18.38 5.60
CA TYR D 70 -2.92 18.72 6.25
C TYR D 70 -1.89 19.22 5.24
N ASN D 71 -1.84 18.58 4.09
CA ASN D 71 -0.85 18.94 3.09
C ASN D 71 -1.15 20.33 2.55
N PHE D 72 -2.43 20.60 2.27
CA PHE D 72 -2.85 21.91 1.78
C PHE D 72 -2.49 22.99 2.80
N LEU D 73 -2.76 22.72 4.07
CA LEU D 73 -2.51 23.72 5.11
C LEU D 73 -1.04 23.92 5.40
N ASN D 74 -0.25 22.85 5.41
CA ASN D 74 1.19 23.03 5.68
C ASN D 74 1.85 23.82 4.54
N THR D 75 1.37 23.64 3.32
CA THR D 75 1.82 24.42 2.17
C THR D 75 1.42 25.88 2.29
N ASN D 76 0.15 26.14 2.61
CA ASN D 76 -0.45 27.46 2.41
C ASN D 76 -0.59 28.35 3.65
N LEU D 77 -0.61 27.79 4.84
CA LEU D 77 -0.75 28.62 6.04
C LEU D 77 0.55 29.30 6.39
N GLU D 78 0.46 30.56 6.82
CA GLU D 78 1.59 31.25 7.44
C GLU D 78 1.24 31.59 8.89
N THR D 79 1.76 30.80 9.81
CA THR D 79 1.34 30.90 11.22
C THR D 79 2.42 30.26 12.05
N ASN D 80 2.49 30.63 13.31
CA ASN D 80 3.38 29.95 14.24
C ASN D 80 2.66 28.81 14.97
N VAL D 81 1.36 28.67 14.74
CA VAL D 81 0.60 27.57 15.35
C VAL D 81 0.86 26.26 14.61
N LYS D 82 1.24 25.23 15.36
CA LYS D 82 1.56 23.94 14.76
C LYS D 82 0.30 23.15 14.45
N ILE D 83 0.38 22.36 13.39
CA ILE D 83 -0.66 21.37 13.04
C ILE D 83 0.02 20.09 12.57
N PRO D 84 -0.72 18.97 12.56
CA PRO D 84 -0.07 17.74 12.16
C PRO D 84 0.57 17.87 10.80
N ASN D 85 1.75 17.27 10.68
CA ASN D 85 2.44 17.23 9.43
C ASN D 85 2.76 15.78 9.10
N ILE D 86 2.07 15.26 8.10
CA ILE D 86 2.03 13.82 7.85
C ILE D 86 3.32 13.33 7.22
N GLU D 87 4.00 12.41 7.90
CA GLU D 87 5.18 11.72 7.36
C GLU D 87 4.90 10.28 6.90
N TYR D 88 3.95 9.63 7.56
CA TYR D 88 3.58 8.27 7.18
C TYR D 88 2.11 8.19 6.89
N SER D 89 1.77 7.56 5.79
CA SER D 89 0.37 7.35 5.49
C SER D 89 0.16 6.06 4.75
N TYR D 90 -0.89 5.34 5.14
CA TYR D 90 -1.38 4.18 4.40
C TYR D 90 -2.88 4.31 4.33
N ILE D 91 -3.42 4.29 3.11
CA ILE D 91 -4.84 4.50 2.92
C ILE D 91 -5.44 3.45 1.99
N SER D 92 -6.44 2.75 2.52
CA SER D 92 -7.16 1.71 1.78
C SER D 92 -8.57 1.72 2.33
N ASP D 93 -9.47 1.06 1.62
CA ASP D 93 -10.88 0.98 2.04
C ASP D 93 -11.03 0.49 3.47
N GLU D 94 -10.28 -0.56 3.80
CA GLU D 94 -10.48 -1.28 5.04
C GLU D 94 -9.59 -0.76 6.19
N LEU D 95 -8.53 -0.03 5.86
CA LEU D 95 -7.58 0.43 6.87
C LEU D 95 -6.89 1.71 6.44
N SER D 96 -6.87 2.69 7.34
CA SER D 96 -6.11 3.90 7.12
C SER D 96 -5.30 4.24 8.34
N ILE D 97 -4.07 4.66 8.07
CA ILE D 97 -3.16 5.07 9.10
C ILE D 97 -2.51 6.37 8.69
N LEU D 98 -2.47 7.34 9.60
CA LEU D 98 -1.68 8.56 9.44
C LEU D 98 -0.71 8.72 10.60
N GLY D 99 0.55 8.98 10.28
CA GLY D 99 1.56 9.18 11.29
C GLY D 99 2.23 10.54 11.14
N TYR D 100 2.43 11.22 12.27
CA TYR D 100 3.05 12.54 12.28
C TYR D 100 3.71 12.76 13.64
N LYS D 101 4.68 13.66 13.70
CA LYS D 101 5.36 13.95 14.94
C LYS D 101 4.39 14.62 15.89
N GLU D 102 4.37 14.09 17.10
CA GLU D 102 3.48 14.60 18.13
C GLU D 102 3.72 16.10 18.35
N ILE D 103 2.66 16.89 18.32
CA ILE D 103 2.75 18.27 18.80
C ILE D 103 2.74 18.30 20.33
N LYS D 104 3.78 18.90 20.91
CA LYS D 104 3.97 18.94 22.36
C LYS D 104 3.18 20.10 22.98
N GLY D 105 2.52 19.87 24.09
CA GLY D 105 1.80 20.94 24.81
C GLY D 105 0.74 20.37 25.71
N THR D 106 -0.12 21.25 26.23
CA THR D 106 -1.23 20.90 27.12
C THR D 106 -2.58 21.31 26.50
N PHE D 107 -3.56 20.42 26.52
CA PHE D 107 -4.87 20.70 25.95
C PHE D 107 -5.66 21.66 26.84
N LEU D 108 -6.25 22.66 26.20
CA LEU D 108 -7.08 23.64 26.86
C LEU D 108 -8.30 22.97 27.49
N THR D 109 -8.61 23.39 28.72
CA THR D 109 -9.82 22.96 29.42
C THR D 109 -10.44 24.12 30.14
N PRO D 110 -11.71 23.99 30.51
CA PRO D 110 -12.31 25.02 31.37
C PRO D 110 -11.48 25.34 32.60
N GLU D 111 -10.97 24.31 33.30
CA GLU D 111 -10.19 24.50 34.54
C GLU D 111 -8.97 25.35 34.26
N ILE D 112 -8.23 24.98 33.23
CA ILE D 112 -7.00 25.71 32.92
C ILE D 112 -7.31 27.16 32.52
N TYR D 113 -8.35 27.36 31.73
CA TYR D 113 -8.74 28.72 31.35
C TYR D 113 -9.05 29.59 32.59
N SER D 114 -9.77 29.01 33.55
CA SER D 114 -10.16 29.72 34.75
C SER D 114 -8.94 30.21 35.56
N THR D 115 -7.81 29.51 35.49
CA THR D 115 -6.55 29.92 36.17
C THR D 115 -5.68 30.91 35.38
N MET D 116 -6.01 31.18 34.12
CA MET D 116 -5.25 32.12 33.33
C MET D 116 -5.55 33.55 33.75
N SER D 117 -4.54 34.41 33.68
CA SER D 117 -4.75 35.82 33.91
C SER D 117 -5.64 36.39 32.81
N GLU D 118 -6.25 37.53 33.08
CA GLU D 118 -7.08 38.22 32.11
C GLU D 118 -6.31 38.48 30.82
N GLU D 119 -5.06 38.94 30.95
CA GLU D 119 -4.21 39.18 29.79
C GLU D 119 -3.90 37.87 29.04
N GLU D 120 -3.61 36.78 29.76
CA GLU D 120 -3.44 35.48 29.09
C GLU D 120 -4.69 35.02 28.32
N GLN D 121 -5.86 35.25 28.89
CA GLN D 121 -7.11 34.84 28.24
C GLN D 121 -7.34 35.66 26.98
N ASN D 122 -7.16 36.97 27.08
CA ASN D 122 -7.31 37.89 25.92
C ASN D 122 -6.38 37.46 24.77
N LEU D 123 -5.12 37.12 25.08
CA LEU D 123 -4.16 36.68 24.05
C LEU D 123 -4.55 35.35 23.39
N LEU D 124 -4.98 34.41 24.21
CA LEU D 124 -5.48 33.14 23.67
C LEU D 124 -6.63 33.38 22.68
N LYS D 125 -7.54 34.28 23.04
CA LYS D 125 -8.71 34.57 22.21
C LYS D 125 -8.23 35.23 20.93
N ARG D 126 -7.27 36.15 21.03
CA ARG D 126 -6.70 36.82 19.85
C ARG D 126 -6.01 35.82 18.94
N ASP D 127 -5.26 34.90 19.54
CA ASP D 127 -4.57 33.84 18.77
C ASP D 127 -5.58 32.93 18.06
N ILE D 128 -6.65 32.57 18.73
CA ILE D 128 -7.68 31.74 18.09
C ILE D 128 -8.33 32.50 16.92
N ALA D 129 -8.78 33.72 17.16
CA ALA D 129 -9.44 34.51 16.10
C ALA D 129 -8.50 34.72 14.91
N SER D 130 -7.24 34.96 15.20
CA SER D 130 -6.25 35.20 14.16
C SER D 130 -6.00 33.94 13.33
N PHE D 131 -5.87 32.79 14.00
CA PHE D 131 -5.76 31.53 13.25
C PHE D 131 -6.97 31.22 12.35
N LEU D 132 -8.15 31.29 12.93
CA LEU D 132 -9.37 31.12 12.17
C LEU D 132 -9.49 32.12 11.02
N ARG D 133 -9.14 33.39 11.26
CA ARG D 133 -9.18 34.41 10.19
CA ARG D 133 -9.22 34.39 10.18
C ARG D 133 -8.26 34.00 9.04
N GLN D 134 -7.04 33.58 9.36
CA GLN D 134 -6.13 33.19 8.31
C GLN D 134 -6.66 31.97 7.56
N MET D 135 -7.12 30.94 8.28
CA MET D 135 -7.56 29.70 7.62
C MET D 135 -8.80 29.97 6.76
N HIS D 136 -9.78 30.67 7.32
CA HIS D 136 -11.00 30.96 6.58
C HIS D 136 -10.73 31.86 5.38
N GLY D 137 -9.65 32.65 5.44
CA GLY D 137 -9.25 33.49 4.31
C GLY D 137 -8.55 32.79 3.14
N LEU D 138 -8.10 31.56 3.31
CA LEU D 138 -7.38 30.89 2.23
C LEU D 138 -8.23 30.64 0.99
N ASP D 139 -7.60 30.85 -0.15
CA ASP D 139 -8.12 30.42 -1.43
C ASP D 139 -8.07 28.90 -1.42
N TYR D 140 -9.24 28.26 -1.48
CA TYR D 140 -9.35 26.81 -1.30
C TYR D 140 -9.51 26.04 -2.59
N THR D 141 -9.18 26.68 -3.71
CA THR D 141 -9.31 26.07 -5.04
C THR D 141 -8.63 24.70 -5.13
N ASP D 142 -7.43 24.60 -4.59
CA ASP D 142 -6.67 23.35 -4.68
C ASP D 142 -7.26 22.19 -3.87
N ILE D 143 -8.23 22.45 -2.99
CA ILE D 143 -8.94 21.39 -2.28
C ILE D 143 -10.44 21.50 -2.51
N SER D 144 -10.83 22.00 -3.66
CA SER D 144 -12.23 22.36 -3.91
C SER D 144 -13.20 21.17 -3.86
N GLU D 145 -12.65 19.95 -3.85
CA GLU D 145 -13.44 18.74 -3.75
C GLU D 145 -13.82 18.42 -2.29
N CYS D 146 -13.09 18.97 -1.32
CA CYS D 146 -13.37 18.70 0.10
C CYS D 146 -14.51 19.57 0.65
N THR D 147 -15.63 19.58 -0.05
CA THR D 147 -16.81 20.34 0.38
C THR D 147 -17.65 19.47 1.28
N ILE D 148 -18.36 20.11 2.18
CA ILE D 148 -19.28 19.44 3.05
C ILE D 148 -20.59 20.20 3.06
N ASP D 149 -21.67 19.46 2.81
CA ASP D 149 -23.00 20.01 2.82
C ASP D 149 -23.78 19.46 4.04
N ASN D 150 -23.83 20.24 5.11
CA ASN D 150 -24.42 19.76 6.38
C ASN D 150 -25.90 19.51 6.25
N LYS D 151 -26.58 20.34 5.47
CA LYS D 151 -28.01 20.20 5.29
C LYS D 151 -28.35 18.88 4.57
N GLN D 152 -27.67 18.62 3.47
CA GLN D 152 -27.78 17.35 2.76
C GLN D 152 -27.42 16.14 3.64
N ASN D 153 -26.32 16.26 4.40
CA ASN D 153 -25.91 15.15 5.29
C ASN D 153 -27.03 14.81 6.25
N VAL D 154 -27.63 15.84 6.83
CA VAL D 154 -28.74 15.61 7.74
C VAL D 154 -29.92 14.98 7.01
N LEU D 155 -30.26 15.49 5.84
CA LEU D 155 -31.30 14.86 5.06
C LEU D 155 -31.06 13.36 4.87
N GLU D 156 -29.84 12.97 4.49
CA GLU D 156 -29.52 11.56 4.29
C GLU D 156 -29.64 10.74 5.57
N GLU D 157 -29.24 11.36 6.67
CA GLU D 157 -29.45 10.70 7.97
C GLU D 157 -30.92 10.57 8.34
N TYR D 158 -31.73 11.54 7.97
CA TYR D 158 -33.15 11.46 8.27
C TYR D 158 -33.78 10.30 7.47
N ILE D 159 -33.35 10.15 6.23
CA ILE D 159 -33.86 9.06 5.39
C ILE D 159 -33.49 7.69 5.98
N LEU D 160 -32.28 7.58 6.50
CA LEU D 160 -31.90 6.35 7.18
C LEU D 160 -32.82 6.06 8.36
N LEU D 161 -33.07 7.07 9.20
CA LEU D 161 -34.02 6.93 10.32
C LEU D 161 -35.33 6.43 9.83
N ARG D 162 -35.84 7.04 8.76
CA ARG D 162 -37.16 6.65 8.24
C ARG D 162 -37.13 5.21 7.75
N GLU D 163 -35.99 4.79 7.19
CA GLU D 163 -35.83 3.42 6.69
C GLU D 163 -35.57 2.39 7.79
N THR D 164 -35.33 2.85 9.03
CA THR D 164 -34.97 1.95 10.11
C THR D 164 -35.92 2.06 11.29
N ILE D 165 -35.61 2.87 12.29
CA ILE D 165 -36.38 2.83 13.54
C ILE D 165 -37.46 3.90 13.71
N TYR D 166 -37.58 4.84 12.77
CA TYR D 166 -38.51 5.95 12.95
C TYR D 166 -39.90 5.49 13.37
N ASN D 167 -40.43 4.44 12.73
CA ASN D 167 -41.79 3.99 13.02
C ASN D 167 -41.98 3.44 14.43
N ASP D 168 -40.90 3.03 15.08
CA ASP D 168 -40.97 2.54 16.45
C ASP D 168 -40.81 3.63 17.49
N LEU D 169 -40.54 4.86 17.06
CA LEU D 169 -40.33 5.95 18.02
C LEU D 169 -41.66 6.41 18.59
N THR D 170 -41.60 7.10 19.73
CA THR D 170 -42.79 7.69 20.30
C THR D 170 -43.23 8.93 19.54
N ASP D 171 -44.45 9.37 19.78
CA ASP D 171 -44.94 10.61 19.20
C ASP D 171 -44.06 11.78 19.62
N ILE D 172 -43.66 11.81 20.88
CA ILE D 172 -42.81 12.88 21.35
C ILE D 172 -41.46 12.93 20.62
N GLU D 173 -40.90 11.76 20.35
CA GLU D 173 -39.63 11.63 19.66
C GLU D 173 -39.80 12.07 18.20
N LYS D 174 -40.87 11.58 17.57
CA LYS D 174 -41.17 11.98 16.22
C LYS D 174 -41.36 13.48 16.09
N ASP D 175 -42.13 14.07 17.00
CA ASP D 175 -42.34 15.51 16.97
C ASP D 175 -41.03 16.28 17.14
N TYR D 176 -40.13 15.80 17.99
CA TYR D 176 -38.85 16.45 18.13
C TYR D 176 -38.10 16.47 16.80
N ILE D 177 -38.10 15.33 16.13
CA ILE D 177 -37.37 15.17 14.90
C ILE D 177 -37.97 16.00 13.75
N GLU D 178 -39.31 15.97 13.63
CA GLU D 178 -39.96 16.72 12.57
C GLU D 178 -39.83 18.19 12.78
N SER D 179 -39.85 18.58 14.06
CA SER D 179 -39.79 19.97 14.38
C SER D 179 -38.39 20.48 14.03
N PHE D 180 -37.40 19.65 14.27
CA PHE D 180 -36.06 20.01 13.84
C PHE D 180 -35.96 20.11 12.34
N MET D 181 -36.54 19.12 11.64
CA MET D 181 -36.43 19.09 10.17
C MET D 181 -37.12 20.31 9.55
N GLU D 182 -38.19 20.77 10.16
CA GLU D 182 -38.84 21.97 9.68
C GLU D 182 -37.92 23.19 9.89
N ARG D 183 -37.30 23.24 11.04
CA ARG D 183 -36.36 24.33 11.33
C ARG D 183 -35.20 24.31 10.33
N LEU D 184 -34.65 23.11 10.09
CA LEU D 184 -33.58 22.97 9.12
C LEU D 184 -33.98 23.48 7.75
N ASN D 185 -35.23 23.25 7.36
CA ASN D 185 -35.70 23.67 6.05
C ASN D 185 -35.87 25.17 5.91
N ALA D 186 -36.31 25.78 7.00
CA ALA D 186 -36.61 27.23 7.03
C ALA D 186 -35.38 28.13 7.25
N THR D 187 -34.31 27.63 7.89
CA THR D 187 -33.22 28.52 8.31
C THR D 187 -32.48 29.12 7.11
N THR D 188 -31.88 30.29 7.34
CA THR D 188 -31.04 30.94 6.34
C THR D 188 -29.57 30.81 6.64
N VAL D 189 -29.21 30.11 7.72
CA VAL D 189 -27.80 30.14 8.16
C VAL D 189 -26.82 29.44 7.23
N PHE D 190 -27.31 28.76 6.20
CA PHE D 190 -26.41 28.09 5.27
C PHE D 190 -26.08 28.99 4.10
N GLU D 191 -26.63 30.19 4.10
CA GLU D 191 -26.55 31.03 2.90
C GLU D 191 -25.42 32.04 2.96
N GLY D 192 -24.50 31.85 3.90
CA GLY D 192 -23.40 32.77 4.10
C GLY D 192 -22.12 32.32 3.44
N LYS D 193 -21.02 32.93 3.87
CA LYS D 193 -19.71 32.63 3.33
C LYS D 193 -19.34 31.18 3.60
N LYS D 194 -18.80 30.56 2.56
CA LYS D 194 -18.26 29.21 2.64
C LYS D 194 -16.77 29.31 2.63
N CYS D 195 -16.11 28.49 3.43
CA CYS D 195 -14.66 28.51 3.48
C CYS D 195 -14.12 27.26 4.13
N LEU D 196 -12.83 27.09 4.05
CA LEU D 196 -12.20 25.98 4.73
C LEU D 196 -12.27 26.19 6.25
N CYS D 197 -12.93 25.25 6.93
CA CYS D 197 -13.04 25.22 8.39
C CYS D 197 -12.49 23.95 8.97
N HIS D 198 -11.99 24.08 10.18
CA HIS D 198 -11.52 22.94 10.95
C HIS D 198 -12.66 21.95 11.19
N ASN D 199 -13.78 22.50 11.63
CA ASN D 199 -15.08 21.84 11.72
C ASN D 199 -15.23 20.85 12.86
N ASP D 200 -14.30 20.88 13.80
CA ASP D 200 -14.44 20.16 15.08
C ASP D 200 -13.63 20.92 16.12
N PHE D 201 -13.85 22.23 16.13
CA PHE D 201 -12.92 23.19 16.72
C PHE D 201 -13.32 23.42 18.17
N SER D 202 -13.03 22.42 18.99
CA SER D 202 -13.44 22.42 20.36
C SER D 202 -12.15 22.42 21.20
N CYS D 203 -12.24 22.66 22.49
CA CYS D 203 -10.97 22.94 23.16
C CYS D 203 -10.10 21.72 23.43
N ASN D 204 -10.67 20.53 23.31
CA ASN D 204 -9.89 19.31 23.34
C ASN D 204 -9.00 19.11 22.10
N HIS D 205 -9.08 20.03 21.13
CA HIS D 205 -8.16 20.01 20.01
C HIS D 205 -7.17 21.15 20.01
N LEU D 206 -7.18 21.94 21.09
CA LEU D 206 -6.33 23.11 21.13
C LEU D 206 -5.22 22.96 22.13
N LEU D 207 -3.97 23.13 21.68
CA LEU D 207 -2.81 22.93 22.55
C LEU D 207 -2.19 24.24 23.03
N LEU D 208 -1.91 24.32 24.31
CA LEU D 208 -1.20 25.42 24.93
C LEU D 208 0.27 25.08 25.25
N ASP D 209 1.15 26.06 25.09
CA ASP D 209 2.52 25.94 25.58
C ASP D 209 2.60 26.33 27.08
N GLY D 210 3.81 26.29 27.63
CA GLY D 210 4.06 26.67 29.04
C GLY D 210 3.68 28.08 29.42
N ASN D 211 3.54 28.97 28.44
CA ASN D 211 3.02 30.32 28.69
C ASN D 211 1.51 30.49 28.45
N ASN D 212 0.77 29.37 28.35
CA ASN D 212 -0.67 29.40 28.06
C ASN D 212 -0.99 30.17 26.78
N ARG D 213 -0.08 30.11 25.82
CA ARG D 213 -0.34 30.58 24.46
C ARG D 213 -0.68 29.37 23.55
N LEU D 214 -1.50 29.66 22.56
CA LEU D 214 -1.89 28.67 21.60
C LEU D 214 -0.66 28.22 20.81
N THR D 215 -0.32 26.94 20.91
CA THR D 215 0.88 26.39 20.26
C THR D 215 0.57 25.35 19.19
N GLY D 216 -0.59 24.72 19.27
CA GLY D 216 -0.99 23.81 18.21
C GLY D 216 -2.47 23.51 18.13
N ILE D 217 -2.86 23.04 16.96
CA ILE D 217 -4.24 22.58 16.69
C ILE D 217 -4.19 21.21 16.00
N ILE D 218 -4.97 20.25 16.52
CA ILE D 218 -5.01 18.91 15.97
C ILE D 218 -6.40 18.55 15.46
N ASP D 219 -6.45 17.39 14.80
CA ASP D 219 -7.68 16.74 14.37
C ASP D 219 -8.51 17.59 13.42
N PHE D 220 -7.96 17.73 12.23
CA PHE D 220 -8.68 18.32 11.08
C PHE D 220 -9.45 17.23 10.33
N GLY D 221 -9.82 16.16 11.03
CA GLY D 221 -10.44 15.00 10.40
C GLY D 221 -11.86 15.23 9.95
N ASP D 222 -12.49 16.32 10.37
CA ASP D 222 -13.80 16.66 9.86
C ASP D 222 -13.77 17.96 9.03
N SER D 223 -12.58 18.47 8.73
CA SER D 223 -12.41 19.70 7.98
C SER D 223 -12.89 19.59 6.56
N GLY D 224 -13.30 20.74 6.06
CA GLY D 224 -13.69 20.89 4.69
C GLY D 224 -14.18 22.29 4.43
N ILE D 225 -14.68 22.48 3.21
CA ILE D 225 -15.23 23.75 2.80
C ILE D 225 -16.68 23.72 3.20
N ILE D 226 -17.04 24.61 4.09
CA ILE D 226 -18.30 24.55 4.75
C ILE D 226 -18.62 25.99 5.23
N ASP D 227 -19.76 26.18 5.88
CA ASP D 227 -20.10 27.51 6.37
C ASP D 227 -19.06 28.03 7.37
N GLU D 228 -18.69 29.30 7.21
CA GLU D 228 -17.78 29.99 8.10
C GLU D 228 -18.21 29.89 9.56
N TYR D 229 -19.53 29.89 9.80
CA TYR D 229 -20.08 29.74 11.15
C TYR D 229 -19.62 28.47 11.90
N CYS D 230 -19.29 27.41 11.15
CA CYS D 230 -19.04 26.10 11.75
C CYS D 230 -17.94 26.14 12.78
N ASP D 231 -16.93 26.98 12.57
CA ASP D 231 -15.77 26.94 13.45
C ASP D 231 -16.00 27.65 14.77
N PHE D 232 -17.19 28.16 14.97
CA PHE D 232 -17.54 28.83 16.22
C PHE D 232 -18.55 28.04 17.07
N ILE D 233 -18.96 26.88 16.59
CA ILE D 233 -20.04 26.11 17.21
C ILE D 233 -19.69 25.67 18.63
N TYR D 234 -18.46 25.20 18.83
CA TYR D 234 -18.04 24.72 20.13
C TYR D 234 -17.43 25.82 20.98
N LEU D 235 -16.84 26.83 20.33
CA LEU D 235 -16.43 28.05 21.01
C LEU D 235 -17.65 28.72 21.68
N LEU D 236 -18.81 28.63 21.04
CA LEU D 236 -20.05 29.17 21.61
C LEU D 236 -20.75 28.25 22.63
N GLU D 237 -20.26 27.04 22.79
CA GLU D 237 -21.01 26.04 23.53
C GLU D 237 -20.95 26.27 25.06
N ASP D 238 -22.12 26.14 25.70
CA ASP D 238 -22.21 26.12 27.16
C ASP D 238 -22.34 24.68 27.62
N SER D 239 -21.23 24.12 28.13
CA SER D 239 -21.18 22.74 28.60
C SER D 239 -19.96 22.54 29.46
N GLU D 240 -19.90 21.39 30.12
CA GLU D 240 -18.79 21.07 31.01
C GLU D 240 -17.47 20.97 30.26
N GLU D 241 -17.52 20.50 29.02
CA GLU D 241 -16.32 20.33 28.19
C GLU D 241 -15.79 21.62 27.58
N GLU D 242 -16.63 22.63 27.43
CA GLU D 242 -16.19 23.83 26.72
C GLU D 242 -16.15 24.99 27.69
N ILE D 243 -15.53 26.07 27.25
CA ILE D 243 -15.26 27.20 28.13
C ILE D 243 -16.49 28.02 28.45
N GLY D 244 -17.28 28.35 27.45
CA GLY D 244 -18.54 29.04 27.67
C GLY D 244 -18.95 29.92 26.53
N THR D 245 -20.22 30.30 26.54
CA THR D 245 -20.75 31.18 25.51
C THR D 245 -19.95 32.49 25.37
N ASN D 246 -19.47 33.06 26.46
CA ASN D 246 -18.82 34.38 26.35
C ASN D 246 -17.48 34.30 25.66
N PHE D 247 -16.84 33.17 25.80
CA PHE D 247 -15.58 32.87 25.12
C PHE D 247 -15.79 32.96 23.63
N GLY D 248 -16.83 32.27 23.14
CA GLY D 248 -17.15 32.30 21.73
C GLY D 248 -17.59 33.68 21.22
N GLU D 249 -18.39 34.36 22.01
CA GLU D 249 -18.77 35.72 21.68
C GLU D 249 -17.57 36.65 21.57
N ASP D 250 -16.69 36.58 22.55
CA ASP D 250 -15.52 37.44 22.50
C ASP D 250 -14.67 37.15 21.27
N ILE D 251 -14.51 35.87 20.97
CA ILE D 251 -13.68 35.48 19.85
C ILE D 251 -14.29 35.99 18.54
N LEU D 252 -15.61 35.94 18.49
CA LEU D 252 -16.32 36.42 17.33
C LEU D 252 -16.11 37.90 17.15
N ARG D 253 -16.15 38.65 18.24
CA ARG D 253 -15.91 40.08 18.15
C ARG D 253 -14.50 40.41 17.70
N MET D 254 -13.51 39.63 18.14
CA MET D 254 -12.12 39.83 17.70
C MET D 254 -11.94 39.47 16.25
N TYR D 255 -12.61 38.39 15.86
CA TYR D 255 -12.54 37.89 14.51
C TYR D 255 -13.11 38.93 13.57
N GLY D 256 -14.28 39.46 13.95
CA GLY D 256 -14.94 40.52 13.21
C GLY D 256 -15.60 40.09 11.92
N ASN D 257 -16.44 40.98 11.40
CA ASN D 257 -17.06 40.78 10.10
C ASN D 257 -17.81 39.48 10.02
N ILE D 258 -18.61 39.23 11.05
CA ILE D 258 -19.44 38.05 11.07
C ILE D 258 -20.67 38.27 11.94
N ASP D 259 -21.82 37.85 11.43
CA ASP D 259 -23.09 38.02 12.12
C ASP D 259 -23.13 37.09 13.31
N ILE D 260 -22.98 37.63 14.51
CA ILE D 260 -22.91 36.83 15.72
C ILE D 260 -24.22 36.09 16.02
N GLU D 261 -25.36 36.72 15.74
CA GLU D 261 -26.63 36.10 16.03
C GLU D 261 -26.83 34.89 15.11
N LYS D 262 -26.35 34.99 13.88
CA LYS D 262 -26.40 33.86 12.96
C LYS D 262 -25.44 32.77 13.33
N ALA D 263 -24.25 33.13 13.83
CA ALA D 263 -23.36 32.11 14.38
C ALA D 263 -24.03 31.34 15.51
N LYS D 264 -24.75 32.04 16.37
CA LYS D 264 -25.46 31.41 17.45
C LYS D 264 -26.62 30.57 16.99
N GLU D 265 -27.36 31.06 15.99
CA GLU D 265 -28.46 30.30 15.42
C GLU D 265 -27.84 28.98 14.89
N TYR D 266 -26.70 29.08 14.22
CA TYR D 266 -26.05 27.89 13.63
C TYR D 266 -25.72 26.93 14.76
N GLN D 267 -25.11 27.45 15.82
CA GLN D 267 -24.77 26.61 16.91
C GLN D 267 -26.02 25.96 17.51
N ASP D 268 -27.12 26.70 17.61
CA ASP D 268 -28.32 26.24 18.30
C ASP D 268 -28.99 25.14 17.48
N ILE D 269 -28.97 25.30 16.17
CA ILE D 269 -29.46 24.26 15.29
C ILE D 269 -28.65 22.96 15.44
N VAL D 270 -27.33 23.06 15.45
CA VAL D 270 -26.47 21.89 15.60
C VAL D 270 -26.69 21.24 16.95
N GLU D 271 -26.87 22.06 17.97
CA GLU D 271 -27.18 21.54 19.30
C GLU D 271 -28.52 20.83 19.27
N GLU D 272 -29.52 21.39 18.62
CA GLU D 272 -30.83 20.76 18.61
C GLU D 272 -30.68 19.38 17.96
N TYR D 273 -29.82 19.29 16.94
CA TYR D 273 -29.62 18.05 16.21
C TYR D 273 -28.90 16.93 16.96
N TYR D 274 -28.13 17.29 17.99
CA TYR D 274 -27.22 16.39 18.67
C TYR D 274 -27.86 15.05 19.10
N PRO D 275 -29.04 15.08 19.73
CA PRO D 275 -29.59 13.80 20.14
C PRO D 275 -29.96 12.93 18.96
N ILE D 276 -30.35 13.56 17.85
CA ILE D 276 -30.68 12.83 16.64
C ILE D 276 -29.38 12.27 16.02
N GLU D 277 -28.36 13.11 15.91
CA GLU D 277 -27.03 12.64 15.49
C GLU D 277 -26.61 11.39 16.29
N THR D 278 -26.89 11.43 17.59
CA THR D 278 -26.49 10.36 18.49
C THR D 278 -27.25 9.09 18.14
N ILE D 279 -28.56 9.22 17.95
CA ILE D 279 -29.36 8.08 17.51
C ILE D 279 -28.83 7.50 16.21
N VAL D 280 -28.57 8.36 15.25
CA VAL D 280 -28.08 7.92 13.97
C VAL D 280 -26.80 7.12 14.10
N TYR D 281 -25.84 7.67 14.85
CA TYR D 281 -24.60 6.95 15.12
C TYR D 281 -24.88 5.52 15.62
N GLY D 282 -25.83 5.39 16.54
CA GLY D 282 -26.17 4.11 17.12
C GLY D 282 -26.74 3.16 16.08
N ILE D 283 -27.57 3.67 15.19
CA ILE D 283 -28.09 2.86 14.09
C ILE D 283 -26.97 2.40 13.16
N LYS D 284 -26.15 3.32 12.71
CA LYS D 284 -25.12 3.00 11.73
C LYS D 284 -24.09 2.02 12.26
N ASN D 285 -23.76 2.13 13.54
CA ASN D 285 -22.71 1.33 14.13
C ASN D 285 -23.25 0.17 14.95
N ILE D 286 -24.56 -0.01 14.92
CA ILE D 286 -25.24 -1.06 15.66
C ILE D 286 -24.87 -1.02 17.15
N LYS D 287 -24.99 0.15 17.76
CA LYS D 287 -24.72 0.31 19.19
C LYS D 287 -25.93 0.88 19.89
N GLN D 288 -26.73 -0.02 20.43
CA GLN D 288 -28.00 0.31 21.05
C GLN D 288 -27.89 1.42 22.09
N GLU D 289 -26.81 1.43 22.85
CA GLU D 289 -26.63 2.40 23.92
C GLU D 289 -26.72 3.86 23.40
N PHE D 290 -26.21 4.10 22.20
CA PHE D 290 -26.28 5.42 21.59
C PHE D 290 -27.70 5.79 21.18
N ILE D 291 -28.43 4.81 20.65
CA ILE D 291 -29.83 5.00 20.31
C ILE D 291 -30.62 5.38 21.57
N GLU D 292 -30.37 4.65 22.64
CA GLU D 292 -31.06 4.91 23.89
C GLU D 292 -30.70 6.27 24.46
N ASN D 293 -29.40 6.61 24.45
CA ASN D 293 -28.97 7.91 25.00
C ASN D 293 -29.58 9.09 24.27
N GLY D 294 -29.64 9.01 22.95
CA GLY D 294 -30.22 10.07 22.16
C GLY D 294 -31.69 10.24 22.48
N ARG D 295 -32.42 9.13 22.54
CA ARG D 295 -33.85 9.17 22.80
C ARG D 295 -34.15 9.77 24.16
N LYS D 296 -33.35 9.40 25.13
CA LYS D 296 -33.55 9.88 26.49
C LYS D 296 -33.29 11.38 26.54
N GLU D 297 -32.25 11.82 25.82
CA GLU D 297 -31.91 13.23 25.76
C GLU D 297 -33.05 14.06 25.13
N ILE D 298 -33.73 13.49 24.13
CA ILE D 298 -34.91 14.15 23.56
C ILE D 298 -35.99 14.42 24.61
N TYR D 299 -36.25 13.45 25.49
CA TYR D 299 -37.22 13.65 26.58
C TYR D 299 -36.75 14.70 27.56
N LYS D 300 -35.48 14.70 27.90
CA LYS D 300 -35.02 15.75 28.81
C LYS D 300 -35.16 17.14 28.16
N ARG D 301 -34.78 17.27 26.89
CA ARG D 301 -34.89 18.57 26.22
C ARG D 301 -36.35 19.02 26.05
N THR D 302 -37.24 18.07 25.81
CA THR D 302 -38.65 18.40 25.63
C THR D 302 -39.25 19.10 26.87
N TYR D 303 -38.82 18.71 28.08
CA TYR D 303 -39.41 19.23 29.31
C TYR D 303 -38.54 20.26 30.05
#